data_8XN1
#
_entry.id   8XN1
#
_cell.length_a   1.00
_cell.length_b   1.00
_cell.length_c   1.00
_cell.angle_alpha   90.00
_cell.angle_beta   90.00
_cell.angle_gamma   90.00
#
_symmetry.space_group_name_H-M   'P 1'
#
loop_
_entity.id
_entity.type
_entity.pdbx_description
1 polymer 'Probable proton-coupled zinc antiporter SLC30A3'
2 non-polymer 'ZINC ION'
3 non-polymer 'CHOLESTEROL HEMISUCCINATE'
4 non-polymer 'Lauryl Maltose Neopentyl Glycol'
5 non-polymer '(1S)-2-{[{[(2R)-2,3-DIHYDROXYPROPYL]OXY}(HYDROXY)PHOSPHORYL]OXY}-1-[(PALMITOYLOXY)METHYL]ETHYL STEARATE'
#
_entity_poly.entity_id   1
_entity_poly.type   'polypeptide(L)'
_entity_poly.pdbx_seq_one_letter_code
;MPFHHCHRDPLPPPGLTPERLHARRQLYAACAVCFVFMAGEVVGGYLAHSLAIMTDAAHLLADVGSMMGSLFSLWLSTRP
ATRTMTFGWHRSETLGALASVVSLWMVTGILLYLAFVRLLHSDYHIEGGAMLLTASIAVCANLLMAFVLHQAGPPHSHGS
RGAEYAPLEEGPEEPLPLGNTSVRAAFVHVLGDLLQSFGVLAASILIYFKPQYKAADPISTFLFSICALGSTAPTLRDVL
RILMEGTPRNVGFEPVRDTLLSVPGVRATHELHLWALTLTYHVASAHLAIDSTADPEAVLAEASSRLYSRFGFSSCTLQV
EQYQPEMAQCLRCQEPPQASDLEVLFQGPEFWSHPQFEKGGGSGGGSGGSAWSHPQFEKEFDIDYKDDDDK
;
_entity_poly.pdbx_strand_id   A,B
#
# COMPACT_ATOMS: atom_id res chain seq x y z
N HIS A 4 -10.77 33.92 -12.28
CA HIS A 4 -11.01 33.23 -13.54
C HIS A 4 -12.29 32.40 -13.47
N HIS A 5 -12.22 31.16 -13.95
CA HIS A 5 -13.39 30.27 -13.97
C HIS A 5 -13.43 29.39 -12.73
N CYS A 6 -12.44 28.51 -12.59
CA CYS A 6 -12.27 27.71 -11.38
C CYS A 6 -10.83 27.59 -10.94
N HIS A 7 -9.86 28.04 -11.75
CA HIS A 7 -8.45 27.92 -11.45
C HIS A 7 -7.86 29.22 -10.93
N ARG A 8 -8.63 29.98 -10.14
CA ARG A 8 -8.11 31.19 -9.53
C ARG A 8 -6.91 30.87 -8.65
N ASP A 9 -5.84 31.65 -8.80
CA ASP A 9 -4.55 31.36 -8.20
C ASP A 9 -4.12 29.95 -8.58
N PRO A 10 -3.81 29.72 -9.86
CA PRO A 10 -3.56 28.33 -10.31
C PRO A 10 -2.39 27.67 -9.60
N LEU A 11 -1.33 28.43 -9.31
CA LEU A 11 -0.08 27.88 -8.79
C LEU A 11 0.41 26.70 -9.64
N PRO A 12 0.71 26.92 -10.92
CA PRO A 12 1.14 25.83 -11.81
C PRO A 12 2.64 25.58 -11.68
N PRO A 13 3.07 24.72 -10.76
CA PRO A 13 4.51 24.59 -10.49
C PRO A 13 5.26 24.13 -11.73
N PRO A 14 6.46 24.65 -11.94
CA PRO A 14 7.25 24.22 -13.11
C PRO A 14 7.71 22.78 -12.96
N GLY A 15 7.96 22.15 -14.12
CA GLY A 15 8.46 20.79 -14.10
C GLY A 15 9.84 20.69 -13.45
N LEU A 16 10.74 21.59 -13.83
CA LEU A 16 12.09 21.64 -13.28
C LEU A 16 12.35 23.04 -12.72
N THR A 17 12.86 23.08 -11.49
CA THR A 17 13.19 24.33 -10.82
C THR A 17 14.58 24.21 -10.19
N PRO A 18 15.31 25.32 -10.11
CA PRO A 18 16.67 25.25 -9.53
C PRO A 18 16.70 24.73 -8.11
N GLU A 19 15.67 25.01 -7.31
CA GLU A 19 15.60 24.43 -5.98
C GLU A 19 15.48 22.91 -6.04
N ARG A 20 14.73 22.41 -7.02
CA ARG A 20 14.62 20.97 -7.20
C ARG A 20 15.97 20.35 -7.57
N LEU A 21 16.74 21.01 -8.44
CA LEU A 21 18.07 20.52 -8.76
C LEU A 21 18.99 20.58 -7.55
N HIS A 22 18.86 21.61 -6.72
CA HIS A 22 19.68 21.68 -5.51
C HIS A 22 19.33 20.54 -4.56
N ALA A 23 18.05 20.24 -4.38
CA ALA A 23 17.64 19.09 -3.56
C ALA A 23 18.14 17.79 -4.18
N ARG A 24 18.11 17.70 -5.50
CA ARG A 24 18.70 16.57 -6.23
C ARG A 24 20.16 16.35 -5.86
N ARG A 25 20.97 17.42 -5.93
CA ARG A 25 22.38 17.30 -5.57
C ARG A 25 22.55 16.94 -4.09
N GLN A 26 21.77 17.58 -3.21
CA GLN A 26 21.88 17.30 -1.78
C GLN A 26 21.52 15.85 -1.46
N LEU A 27 20.45 15.35 -2.07
CA LEU A 27 20.02 13.98 -1.84
C LEU A 27 21.04 12.98 -2.36
N TYR A 28 21.62 13.25 -3.54
CA TYR A 28 22.69 12.37 -4.02
C TYR A 28 23.89 12.35 -3.09
N ALA A 29 24.30 13.53 -2.60
CA ALA A 29 25.42 13.56 -1.67
C ALA A 29 25.11 12.75 -0.41
N ALA A 30 23.93 12.97 0.18
CA ALA A 30 23.57 12.25 1.39
C ALA A 30 23.48 10.75 1.14
N CYS A 31 22.87 10.36 0.02
CA CYS A 31 22.70 8.93 -0.28
C CYS A 31 24.04 8.26 -0.51
N ALA A 32 24.96 8.93 -1.23
CA ALA A 32 26.28 8.34 -1.45
C ALA A 32 27.04 8.19 -0.14
N VAL A 33 26.99 9.21 0.72
CA VAL A 33 27.69 9.11 2.00
C VAL A 33 27.10 7.99 2.84
N CYS A 34 25.76 7.90 2.88
CA CYS A 34 25.11 6.86 3.67
C CYS A 34 25.40 5.47 3.12
N PHE A 35 25.52 5.34 1.79
CA PHE A 35 25.83 4.04 1.22
C PHE A 35 27.26 3.63 1.53
N VAL A 36 28.20 4.57 1.49
CA VAL A 36 29.58 4.26 1.87
C VAL A 36 29.64 3.84 3.34
N PHE A 37 28.93 4.58 4.19
CA PHE A 37 28.92 4.23 5.62
C PHE A 37 28.24 2.89 5.85
N MET A 38 27.20 2.58 5.07
CA MET A 38 26.60 1.25 5.08
C MET A 38 27.63 0.18 4.74
N ALA A 39 28.41 0.40 3.69
CA ALA A 39 29.41 -0.59 3.29
C ALA A 39 30.42 -0.81 4.42
N GLY A 40 30.90 0.28 5.02
CA GLY A 40 31.83 0.15 6.12
C GLY A 40 31.24 -0.61 7.30
N GLU A 41 30.00 -0.26 7.67
CA GLU A 41 29.36 -0.90 8.81
C GLU A 41 29.12 -2.38 8.56
N VAL A 42 28.64 -2.75 7.36
CA VAL A 42 28.35 -4.15 7.10
C VAL A 42 29.63 -4.96 7.03
N VAL A 43 30.69 -4.40 6.45
CA VAL A 43 31.98 -5.11 6.44
C VAL A 43 32.47 -5.32 7.86
N GLY A 44 32.39 -4.28 8.70
CA GLY A 44 32.82 -4.43 10.09
C GLY A 44 32.01 -5.47 10.84
N GLY A 45 30.69 -5.45 10.66
CA GLY A 45 29.85 -6.41 11.35
C GLY A 45 30.08 -7.84 10.90
N TYR A 46 30.25 -8.05 9.59
CA TYR A 46 30.54 -9.38 9.08
C TYR A 46 31.91 -9.87 9.55
N LEU A 47 32.90 -8.98 9.59
CA LEU A 47 34.22 -9.36 10.07
C LEU A 47 34.18 -9.74 11.55
N ALA A 48 33.46 -8.94 12.35
CA ALA A 48 33.43 -9.17 13.79
C ALA A 48 32.35 -10.14 14.23
N HIS A 49 31.44 -10.54 13.33
CA HIS A 49 30.37 -11.48 13.65
C HIS A 49 29.54 -11.01 14.83
N SER A 50 29.28 -9.70 14.89
CA SER A 50 28.44 -9.12 15.93
C SER A 50 27.05 -8.84 15.39
N LEU A 51 26.22 -8.20 16.21
CA LEU A 51 24.85 -7.90 15.83
C LEU A 51 24.41 -6.47 16.12
N ALA A 52 25.05 -5.76 17.06
CA ALA A 52 24.75 -4.35 17.25
C ALA A 52 25.17 -3.54 16.03
N ILE A 53 26.32 -3.89 15.44
CA ILE A 53 26.72 -3.28 14.19
C ILE A 53 25.71 -3.60 13.09
N MET A 54 25.13 -4.80 13.14
CA MET A 54 24.08 -5.15 12.19
C MET A 54 22.85 -4.29 12.39
N THR A 55 22.50 -3.97 13.64
CA THR A 55 21.37 -3.08 13.89
C THR A 55 21.66 -1.68 13.37
N ASP A 56 22.89 -1.20 13.57
CA ASP A 56 23.26 0.11 13.03
C ASP A 56 23.17 0.10 11.51
N ALA A 57 23.64 -0.98 10.87
CA ALA A 57 23.51 -1.09 9.42
C ALA A 57 22.07 -1.16 8.98
N ALA A 58 21.20 -1.77 9.80
CA ALA A 58 19.77 -1.79 9.49
C ALA A 58 19.18 -0.39 9.52
N HIS A 59 19.55 0.40 10.52
CA HIS A 59 19.08 1.78 10.56
C HIS A 59 19.60 2.57 9.36
N LEU A 60 20.86 2.33 8.98
CA LEU A 60 21.38 2.97 7.77
C LEU A 60 20.64 2.50 6.52
N LEU A 61 20.21 1.24 6.50
CA LEU A 61 19.39 0.75 5.40
C LEU A 61 18.07 1.52 5.34
N ALA A 62 17.45 1.75 6.50
CA ALA A 62 16.23 2.53 6.54
C ALA A 62 16.47 3.95 6.01
N ASP A 63 17.58 4.57 6.43
CA ASP A 63 17.89 5.92 5.98
C ASP A 63 18.12 5.96 4.47
N VAL A 64 18.86 4.98 3.93
CA VAL A 64 19.11 4.91 2.50
C VAL A 64 17.83 4.68 1.73
N GLY A 65 16.95 3.81 2.24
CA GLY A 65 15.66 3.61 1.59
C GLY A 65 14.81 4.86 1.59
N SER A 66 14.82 5.60 2.69
CA SER A 66 14.11 6.88 2.73
C SER A 66 14.69 7.86 1.72
N MET A 67 16.01 7.92 1.61
CA MET A 67 16.64 8.77 0.61
C MET A 67 16.21 8.39 -0.79
N MET A 68 16.26 7.10 -1.12
CA MET A 68 15.90 6.66 -2.47
C MET A 68 14.44 6.92 -2.76
N GLY A 69 13.55 6.67 -1.79
CA GLY A 69 12.15 6.94 -2.00
C GLY A 69 11.88 8.41 -2.21
N SER A 70 12.48 9.28 -1.40
CA SER A 70 12.30 10.71 -1.57
C SER A 70 12.84 11.18 -2.91
N LEU A 71 13.99 10.64 -3.34
CA LEU A 71 14.57 11.06 -4.61
C LEU A 71 13.71 10.62 -5.79
N PHE A 72 13.23 9.38 -5.77
CA PHE A 72 12.35 8.91 -6.83
C PHE A 72 11.05 9.69 -6.85
N SER A 73 10.53 10.05 -5.67
CA SER A 73 9.32 10.87 -5.61
C SER A 73 9.57 12.25 -6.19
N LEU A 74 10.73 12.84 -5.90
CA LEU A 74 11.07 14.13 -6.48
C LEU A 74 11.17 14.04 -7.99
N TRP A 75 11.75 12.95 -8.50
CA TRP A 75 11.80 12.74 -9.95
C TRP A 75 10.40 12.62 -10.53
N LEU A 76 9.53 11.87 -9.87
CA LEU A 76 8.20 11.59 -10.42
C LEU A 76 7.30 12.82 -10.36
N SER A 77 7.49 13.68 -9.36
CA SER A 77 6.68 14.89 -9.25
C SER A 77 6.90 15.80 -10.45
N THR A 78 8.06 15.72 -11.09
CA THR A 78 8.30 16.48 -12.31
C THR A 78 7.38 16.02 -13.44
N ARG A 79 7.17 14.71 -13.56
CA ARG A 79 6.40 14.18 -14.67
C ARG A 79 4.94 14.65 -14.59
N PRO A 80 4.32 14.94 -15.72
CA PRO A 80 2.94 15.45 -15.70
C PRO A 80 1.93 14.31 -15.54
N ALA A 81 0.67 14.71 -15.42
CA ALA A 81 -0.41 13.73 -15.30
C ALA A 81 -0.59 12.97 -16.60
N THR A 82 -0.84 11.67 -16.47
CA THR A 82 -1.05 10.78 -17.61
C THR A 82 -2.50 10.35 -17.64
N ARG A 83 -2.96 9.90 -18.81
CA ARG A 83 -4.34 9.48 -18.98
C ARG A 83 -4.69 8.28 -18.11
N THR A 84 -3.70 7.56 -17.60
CA THR A 84 -3.92 6.50 -16.63
C THR A 84 -3.51 6.89 -15.23
N MET A 85 -2.97 8.10 -15.03
CA MET A 85 -2.56 8.61 -13.73
C MET A 85 -3.08 10.03 -13.57
N THR A 86 -4.38 10.20 -13.81
CA THR A 86 -4.98 11.54 -13.90
C THR A 86 -4.65 12.40 -12.70
N PHE A 87 -4.57 11.80 -11.51
CA PHE A 87 -4.19 12.57 -10.32
C PHE A 87 -2.71 12.92 -10.29
N GLY A 88 -1.89 12.30 -11.14
CA GLY A 88 -0.46 12.50 -11.08
C GLY A 88 0.23 11.43 -10.25
N TRP A 89 1.54 11.57 -10.16
CA TRP A 89 2.39 10.61 -9.47
C TRP A 89 2.64 11.00 -8.02
N HIS A 90 1.71 11.72 -7.39
CA HIS A 90 1.96 12.30 -6.08
C HIS A 90 2.13 11.24 -5.01
N ARG A 91 1.31 10.18 -5.02
CA ARG A 91 1.31 9.21 -3.93
C ARG A 91 2.59 8.37 -3.91
N SER A 92 3.56 8.68 -4.77
CA SER A 92 4.86 8.03 -4.70
C SER A 92 5.53 8.31 -3.36
N GLU A 93 5.27 9.47 -2.76
CA GLU A 93 5.78 9.75 -1.42
C GLU A 93 5.29 8.71 -0.42
N THR A 94 3.97 8.47 -0.40
CA THR A 94 3.40 7.52 0.54
C THR A 94 3.89 6.11 0.27
N LEU A 95 3.95 5.72 -1.01
CA LEU A 95 4.43 4.37 -1.31
C LEU A 95 5.89 4.19 -0.94
N GLY A 96 6.72 5.20 -1.16
CA GLY A 96 8.12 5.11 -0.75
C GLY A 96 8.28 5.03 0.75
N ALA A 97 7.49 5.81 1.50
CA ALA A 97 7.54 5.72 2.95
C ALA A 97 7.12 4.34 3.42
N LEU A 98 6.06 3.78 2.83
CA LEU A 98 5.63 2.44 3.20
C LEU A 98 6.69 1.41 2.86
N ALA A 99 7.35 1.55 1.71
CA ALA A 99 8.41 0.61 1.35
C ALA A 99 9.56 0.68 2.34
N SER A 100 9.96 1.89 2.74
CA SER A 100 11.02 2.05 3.72
C SER A 100 10.64 1.40 5.05
N VAL A 101 9.41 1.62 5.50
CA VAL A 101 8.98 1.05 6.78
C VAL A 101 8.92 -0.47 6.70
N VAL A 102 8.44 -1.01 5.57
CA VAL A 102 8.36 -2.46 5.41
C VAL A 102 9.76 -3.07 5.39
N SER A 103 10.70 -2.42 4.70
CA SER A 103 12.07 -2.93 4.68
C SER A 103 12.67 -2.91 6.07
N LEU A 104 12.44 -1.82 6.82
CA LEU A 104 12.92 -1.76 8.19
C LEU A 104 12.33 -2.88 9.02
N TRP A 105 11.02 -3.14 8.87
CA TRP A 105 10.37 -4.18 9.66
C TRP A 105 10.92 -5.55 9.33
N MET A 106 11.14 -5.84 8.04
CA MET A 106 11.69 -7.14 7.66
C MET A 106 13.10 -7.32 8.20
N VAL A 107 13.94 -6.30 8.05
CA VAL A 107 15.33 -6.43 8.50
C VAL A 107 15.37 -6.58 10.03
N THR A 108 14.56 -5.79 10.74
CA THR A 108 14.59 -5.90 12.20
C THR A 108 13.96 -7.21 12.67
N GLY A 109 13.02 -7.78 11.92
CA GLY A 109 12.52 -9.10 12.26
C GLY A 109 13.58 -10.17 12.12
N ILE A 110 14.36 -10.09 11.03
CA ILE A 110 15.47 -11.03 10.87
C ILE A 110 16.48 -10.85 11.99
N LEU A 111 16.77 -9.60 12.37
CA LEU A 111 17.70 -9.34 13.45
C LEU A 111 17.19 -9.85 14.79
N LEU A 112 15.89 -9.70 15.07
CA LEU A 112 15.33 -10.27 16.29
C LEU A 112 15.40 -11.79 16.30
N TYR A 113 15.14 -12.42 15.14
CA TYR A 113 15.29 -13.86 15.05
C TYR A 113 16.71 -14.29 15.38
N LEU A 114 17.69 -13.61 14.79
CA LEU A 114 19.08 -13.95 15.04
C LEU A 114 19.46 -13.69 16.49
N ALA A 115 18.96 -12.59 17.07
CA ALA A 115 19.27 -12.28 18.46
C ALA A 115 18.69 -13.32 19.41
N PHE A 116 17.45 -13.74 19.16
CA PHE A 116 16.85 -14.79 19.99
C PHE A 116 17.60 -16.10 19.86
N VAL A 117 18.01 -16.45 18.64
CA VAL A 117 18.80 -17.68 18.44
C VAL A 117 20.11 -17.60 19.19
N ARG A 118 20.78 -16.44 19.11
CA ARG A 118 22.05 -16.27 19.81
C ARG A 118 21.87 -16.34 21.32
N LEU A 119 20.80 -15.72 21.83
CA LEU A 119 20.55 -15.76 23.27
C LEU A 119 20.24 -17.17 23.75
N LEU A 120 19.49 -17.95 22.97
CA LEU A 120 19.17 -19.31 23.37
C LEU A 120 20.38 -20.23 23.28
N HIS A 121 21.04 -20.27 22.12
CA HIS A 121 22.19 -21.16 21.94
C HIS A 121 23.35 -20.74 22.83
N SER A 122 23.61 -19.43 22.92
CA SER A 122 24.69 -18.88 23.74
C SER A 122 26.04 -19.49 23.34
N ASP A 123 26.31 -19.50 22.03
CA ASP A 123 27.57 -20.03 21.51
C ASP A 123 27.94 -19.22 20.28
N TYR A 124 28.79 -18.20 20.47
CA TYR A 124 29.20 -17.34 19.38
C TYR A 124 30.50 -16.64 19.77
N HIS A 125 31.53 -16.80 18.94
CA HIS A 125 32.83 -16.16 19.18
C HIS A 125 32.87 -14.86 18.39
N ILE A 126 32.88 -13.74 19.11
CA ILE A 126 32.88 -12.41 18.52
C ILE A 126 34.20 -11.74 18.83
N GLU A 127 34.86 -11.23 17.80
CA GLU A 127 36.15 -10.56 17.95
C GLU A 127 35.92 -9.17 18.54
N GLY A 128 36.40 -8.96 19.77
CA GLY A 128 36.19 -7.68 20.42
C GLY A 128 36.92 -6.54 19.73
N GLY A 129 38.15 -6.79 19.28
CA GLY A 129 38.93 -5.73 18.66
C GLY A 129 38.32 -5.21 17.37
N ALA A 130 37.88 -6.13 16.50
CA ALA A 130 37.29 -5.72 15.23
C ALA A 130 35.98 -4.97 15.44
N MET A 131 35.13 -5.46 16.34
CA MET A 131 33.84 -4.81 16.55
C MET A 131 34.00 -3.48 17.27
N LEU A 132 34.97 -3.39 18.19
CA LEU A 132 35.31 -2.10 18.75
C LEU A 132 35.81 -1.13 17.68
N LEU A 133 36.64 -1.64 16.77
CA LEU A 133 37.18 -0.78 15.70
C LEU A 133 36.06 -0.26 14.81
N THR A 134 35.12 -1.13 14.43
CA THR A 134 34.05 -0.67 13.55
C THR A 134 33.07 0.25 14.28
N ALA A 135 32.83 0.02 15.58
CA ALA A 135 31.99 0.95 16.33
C ALA A 135 32.65 2.31 16.44
N SER A 136 33.96 2.35 16.70
CA SER A 136 34.67 3.62 16.76
C SER A 136 34.65 4.33 15.41
N ILE A 137 34.82 3.57 14.32
CA ILE A 137 34.76 4.17 12.99
C ILE A 137 33.39 4.73 12.72
N ALA A 138 32.33 4.01 13.12
CA ALA A 138 30.98 4.50 12.93
C ALA A 138 30.74 5.80 13.71
N VAL A 139 31.19 5.84 14.97
CA VAL A 139 31.02 7.06 15.76
C VAL A 139 31.79 8.21 15.14
N CYS A 140 33.02 7.96 14.68
CA CYS A 140 33.81 9.02 14.06
C CYS A 140 33.14 9.53 12.78
N ALA A 141 32.60 8.63 11.96
CA ALA A 141 31.94 9.05 10.74
C ALA A 141 30.67 9.84 11.03
N ASN A 142 29.91 9.43 12.04
CA ASN A 142 28.70 10.17 12.39
C ASN A 142 29.04 11.56 12.91
N LEU A 143 30.10 11.67 13.73
CA LEU A 143 30.53 12.97 14.20
C LEU A 143 31.03 13.83 13.04
N LEU A 144 31.70 13.22 12.07
CA LEU A 144 32.16 13.96 10.90
C LEU A 144 30.98 14.48 10.08
N MET A 145 29.93 13.66 9.92
CA MET A 145 28.74 14.14 9.21
C MET A 145 28.05 15.26 9.97
N ALA A 146 28.01 15.16 11.31
CA ALA A 146 27.45 16.25 12.10
C ALA A 146 28.24 17.53 11.92
N PHE A 147 29.57 17.43 11.93
CA PHE A 147 30.41 18.62 11.74
C PHE A 147 30.21 19.20 10.35
N VAL A 148 30.08 18.34 9.33
CA VAL A 148 29.85 18.82 7.97
C VAL A 148 28.52 19.56 7.89
N LEU A 149 27.48 19.01 8.52
CA LEU A 149 26.19 19.69 8.57
C LEU A 149 26.25 20.98 9.36
N HIS A 150 27.20 21.09 10.29
CA HIS A 150 27.45 22.32 11.03
C HIS A 150 26.20 22.83 11.75
N THR A 181 14.00 24.13 7.09
CA THR A 181 14.39 23.43 5.88
C THR A 181 14.83 22.00 6.19
N SER A 182 15.33 21.29 5.17
CA SER A 182 15.75 19.91 5.36
C SER A 182 17.04 19.83 6.18
N VAL A 183 17.80 20.91 6.25
CA VAL A 183 19.08 20.89 6.96
C VAL A 183 18.85 20.67 8.46
N ARG A 184 17.84 21.34 9.04
CA ARG A 184 17.58 21.17 10.46
C ARG A 184 17.12 19.75 10.78
N ALA A 185 16.25 19.19 9.92
CA ALA A 185 15.81 17.81 10.11
C ALA A 185 16.98 16.84 10.00
N ALA A 186 17.87 17.09 9.03
CA ALA A 186 19.06 16.25 8.90
C ALA A 186 19.93 16.35 10.14
N PHE A 187 20.10 17.56 10.69
CA PHE A 187 20.91 17.74 11.88
C PHE A 187 20.33 16.99 13.08
N VAL A 188 19.02 17.10 13.29
CA VAL A 188 18.44 16.43 14.45
C VAL A 188 18.46 14.92 14.26
N HIS A 189 18.26 14.42 13.04
CA HIS A 189 18.38 12.99 12.80
C HIS A 189 19.81 12.51 13.03
N VAL A 190 20.79 13.32 12.62
CA VAL A 190 22.19 12.96 12.84
C VAL A 190 22.50 12.91 14.33
N LEU A 191 21.97 13.86 15.10
CA LEU A 191 22.16 13.82 16.56
C LEU A 191 21.51 12.57 17.17
N GLY A 192 20.30 12.24 16.72
CA GLY A 192 19.65 11.03 17.21
C GLY A 192 20.45 9.79 16.89
N ASP A 193 20.97 9.70 15.66
CA ASP A 193 21.81 8.55 15.29
C ASP A 193 23.14 8.59 16.02
N LEU A 194 23.61 9.77 16.41
CA LEU A 194 24.86 9.87 17.15
C LEU A 194 24.70 9.29 18.55
N LEU A 195 23.57 9.57 19.20
CA LEU A 195 23.25 8.89 20.45
C LEU A 195 23.04 7.40 20.21
N GLN A 196 22.37 7.06 19.11
CA GLN A 196 22.13 5.67 18.75
C GLN A 196 23.45 4.90 18.67
N SER A 197 24.50 5.56 18.16
CA SER A 197 25.80 4.91 18.01
C SER A 197 26.66 5.02 19.27
N PHE A 198 26.45 6.04 20.10
CA PHE A 198 27.04 6.03 21.43
C PHE A 198 26.56 4.83 22.22
N GLY A 199 25.31 4.41 22.02
CA GLY A 199 24.86 3.16 22.62
C GLY A 199 25.74 1.98 22.21
N VAL A 200 26.03 1.88 20.92
CA VAL A 200 26.87 0.80 20.42
C VAL A 200 28.27 0.91 21.00
N LEU A 201 28.81 2.13 21.08
CA LEU A 201 30.16 2.32 21.60
C LEU A 201 30.24 1.94 23.07
N ALA A 202 29.21 2.29 23.85
CA ALA A 202 29.18 1.89 25.26
C ALA A 202 29.12 0.37 25.40
N ALA A 203 28.27 -0.28 24.60
CA ALA A 203 28.23 -1.73 24.63
C ALA A 203 29.58 -2.32 24.23
N SER A 204 30.25 -1.69 23.26
CA SER A 204 31.54 -2.19 22.78
C SER A 204 32.62 -2.07 23.83
N ILE A 205 32.71 -0.93 24.50
CA ILE A 205 33.73 -0.77 25.53
C ILE A 205 33.44 -1.69 26.71
N LEU A 206 32.16 -1.90 27.03
CA LEU A 206 31.82 -2.82 28.11
C LEU A 206 32.20 -4.25 27.76
N ILE A 207 31.94 -4.69 26.53
CA ILE A 207 32.27 -6.06 26.16
C ILE A 207 33.78 -6.23 26.00
N TYR A 208 34.50 -5.19 25.56
CA TYR A 208 35.94 -5.31 25.38
C TYR A 208 36.67 -5.29 26.71
N PHE A 209 36.23 -4.45 27.65
CA PHE A 209 36.86 -4.41 28.96
C PHE A 209 36.68 -5.73 29.71
N LYS A 210 35.49 -6.33 29.63
CA LYS A 210 35.17 -7.59 30.29
C LYS A 210 34.59 -8.55 29.26
N PRO A 211 35.43 -9.29 28.54
CA PRO A 211 34.92 -10.28 27.58
C PRO A 211 33.88 -11.24 28.16
N GLN A 212 33.80 -11.37 29.49
CA GLN A 212 32.82 -12.27 30.09
C GLN A 212 31.40 -11.83 29.75
N TYR A 213 31.14 -10.52 29.75
CA TYR A 213 29.80 -10.00 29.45
C TYR A 213 29.55 -10.01 27.93
N LYS A 214 29.58 -11.22 27.37
CA LYS A 214 29.32 -11.38 25.95
C LYS A 214 27.86 -11.16 25.61
N ALA A 215 26.96 -11.51 26.53
CA ALA A 215 25.52 -11.43 26.29
C ALA A 215 24.99 -10.01 26.25
N ALA A 216 25.82 -8.97 26.34
CA ALA A 216 25.30 -7.61 26.26
C ALA A 216 24.88 -7.25 24.83
N ASP A 217 25.48 -7.90 23.84
CA ASP A 217 25.13 -7.62 22.44
C ASP A 217 23.68 -7.95 22.12
N PRO A 218 23.15 -9.13 22.45
CA PRO A 218 21.72 -9.37 22.18
C PRO A 218 20.80 -8.39 22.89
N ILE A 219 21.12 -8.00 24.13
CA ILE A 219 20.29 -7.05 24.84
C ILE A 219 20.32 -5.69 24.14
N SER A 220 21.51 -5.26 23.71
CA SER A 220 21.62 -4.01 22.99
C SER A 220 20.81 -4.04 21.70
N THR A 221 20.90 -5.14 20.94
CA THR A 221 20.12 -5.25 19.71
C THR A 221 18.63 -5.23 20.00
N PHE A 222 18.20 -5.94 21.04
CA PHE A 222 16.78 -5.98 21.38
C PHE A 222 16.26 -4.58 21.72
N LEU A 223 16.95 -3.88 22.62
CA LEU A 223 16.51 -2.54 23.00
C LEU A 223 16.54 -1.59 21.81
N PHE A 224 17.59 -1.68 20.98
CA PHE A 224 17.74 -0.78 19.85
C PHE A 224 16.61 -1.00 18.84
N SER A 225 16.27 -2.26 18.57
CA SER A 225 15.18 -2.57 17.66
C SER A 225 13.83 -2.16 18.22
N ILE A 226 13.60 -2.31 19.52
CA ILE A 226 12.34 -1.85 20.09
C ILE A 226 12.22 -0.35 19.96
N CYS A 227 13.31 0.38 20.19
CA CYS A 227 13.29 1.82 19.98
C CYS A 227 12.98 2.17 18.53
N ALA A 228 13.59 1.44 17.59
CA ALA A 228 13.33 1.70 16.18
C ALA A 228 11.87 1.42 15.82
N LEU A 229 11.30 0.34 16.35
CA LEU A 229 9.90 0.02 16.08
C LEU A 229 8.98 1.08 16.65
N GLY A 230 9.25 1.55 17.87
CA GLY A 230 8.46 2.61 18.44
C GLY A 230 8.56 3.90 17.65
N SER A 231 9.73 4.18 17.08
CA SER A 231 9.89 5.37 16.26
C SER A 231 9.15 5.23 14.93
N THR A 232 9.15 4.05 14.34
CA THR A 232 8.58 3.85 13.02
C THR A 232 7.10 3.50 13.03
N ALA A 233 6.50 3.27 14.19
CA ALA A 233 5.06 3.03 14.24
C ALA A 233 4.23 4.22 13.76
N PRO A 234 4.46 5.46 14.21
CA PRO A 234 3.59 6.56 13.77
C PRO A 234 3.60 6.82 12.28
N THR A 235 4.76 6.68 11.62
CA THR A 235 4.79 6.91 10.18
C THR A 235 4.03 5.82 9.43
N LEU A 236 4.09 4.58 9.92
CA LEU A 236 3.28 3.52 9.33
C LEU A 236 1.80 3.80 9.52
N ARG A 237 1.40 4.29 10.70
CA ARG A 237 0.01 4.62 10.92
C ARG A 237 -0.46 5.73 9.98
N ASP A 238 0.36 6.76 9.81
CA ASP A 238 0.01 7.86 8.92
C ASP A 238 -0.08 7.38 7.47
N VAL A 239 0.86 6.54 7.04
CA VAL A 239 0.83 6.04 5.68
C VAL A 239 -0.40 5.18 5.44
N LEU A 240 -0.75 4.32 6.40
CA LEU A 240 -1.95 3.49 6.25
C LEU A 240 -3.21 4.34 6.23
N ARG A 241 -3.27 5.41 7.04
CA ARG A 241 -4.40 6.31 6.95
C ARG A 241 -4.49 7.00 5.59
N ILE A 242 -3.37 7.43 5.03
CA ILE A 242 -3.40 8.09 3.74
C ILE A 242 -3.80 7.12 2.63
N LEU A 243 -3.32 5.89 2.70
CA LEU A 243 -3.59 4.93 1.63
C LEU A 243 -5.06 4.51 1.61
N MET A 244 -5.71 4.48 2.78
CA MET A 244 -7.08 3.99 2.87
C MET A 244 -8.09 5.07 2.50
N GLU A 245 -7.65 6.09 1.77
CA GLU A 245 -8.48 7.23 1.41
C GLU A 245 -9.08 7.92 2.62
N GLY A 246 -8.34 7.91 3.73
CA GLY A 246 -8.82 8.52 4.94
C GLY A 246 -8.70 10.03 4.92
N THR A 247 -9.46 10.66 5.80
CA THR A 247 -9.39 12.11 5.95
C THR A 247 -8.01 12.50 6.45
N PRO A 248 -7.38 13.52 5.87
CA PRO A 248 -6.07 13.95 6.38
C PRO A 248 -6.18 14.46 7.81
N ARG A 249 -5.10 14.27 8.57
CA ARG A 249 -5.13 14.62 9.99
C ARG A 249 -5.38 16.11 10.20
N ASN A 250 -4.74 16.96 9.38
CA ASN A 250 -4.86 18.40 9.57
C ASN A 250 -6.28 18.88 9.33
N VAL A 251 -6.94 18.35 8.31
CA VAL A 251 -8.26 18.82 7.91
C VAL A 251 -9.33 18.00 8.63
N GLY A 252 -10.31 18.70 9.20
CA GLY A 252 -11.42 18.05 9.88
C GLY A 252 -12.68 18.05 9.06
N PHE A 253 -13.51 17.03 9.28
CA PHE A 253 -14.79 16.94 8.58
C PHE A 253 -15.72 18.08 8.99
N GLU A 254 -15.77 18.38 10.29
CA GLU A 254 -16.67 19.42 10.77
C GLU A 254 -16.36 20.81 10.20
N PRO A 255 -15.10 21.28 10.18
CA PRO A 255 -14.85 22.59 9.56
C PRO A 255 -15.25 22.66 8.10
N VAL A 256 -14.99 21.59 7.34
CA VAL A 256 -15.36 21.59 5.93
C VAL A 256 -16.88 21.63 5.77
N ARG A 257 -17.60 20.84 6.58
CA ARG A 257 -19.05 20.85 6.52
C ARG A 257 -19.60 22.23 6.87
N ASP A 258 -19.05 22.86 7.90
CA ASP A 258 -19.51 24.20 8.29
C ASP A 258 -19.21 25.22 7.20
N THR A 259 -18.03 25.15 6.59
CA THR A 259 -17.71 26.09 5.51
C THR A 259 -18.64 25.91 4.32
N LEU A 260 -18.92 24.65 3.96
CA LEU A 260 -19.83 24.41 2.84
C LEU A 260 -21.26 24.83 3.18
N LEU A 261 -21.64 24.77 4.45
CA LEU A 261 -22.97 25.22 4.86
C LEU A 261 -23.04 26.71 5.11
N SER A 262 -21.89 27.38 5.24
CA SER A 262 -21.90 28.81 5.54
C SER A 262 -22.23 29.65 4.31
N VAL A 263 -21.90 29.16 3.12
CA VAL A 263 -22.17 29.93 1.90
C VAL A 263 -23.67 30.08 1.71
N PRO A 264 -24.16 31.26 1.36
CA PRO A 264 -25.62 31.44 1.21
C PRO A 264 -26.18 30.56 0.10
N GLY A 265 -27.39 30.04 0.34
CA GLY A 265 -28.08 29.25 -0.65
C GLY A 265 -27.84 27.76 -0.60
N VAL A 266 -27.22 27.25 0.46
CA VAL A 266 -26.93 25.82 0.59
C VAL A 266 -27.61 25.30 1.85
N ARG A 267 -28.32 24.18 1.72
CA ARG A 267 -29.03 23.57 2.84
C ARG A 267 -28.73 22.10 3.05
N ALA A 268 -28.19 21.43 2.05
CA ALA A 268 -27.86 20.01 2.18
C ALA A 268 -26.53 19.65 1.56
N THR A 269 -25.52 19.44 2.39
CA THR A 269 -24.24 19.00 1.87
C THR A 269 -24.17 17.51 2.16
N HIS A 270 -24.02 16.70 1.12
CA HIS A 270 -24.02 15.27 1.30
C HIS A 270 -22.98 14.59 0.42
N GLU A 271 -22.62 13.36 0.74
CA GLU A 271 -21.61 12.64 -0.02
C GLU A 271 -20.31 13.41 -0.06
N LEU A 272 -19.95 14.04 1.06
CA LEU A 272 -18.68 14.74 1.11
C LEU A 272 -17.60 13.68 1.08
N HIS A 273 -16.62 13.84 0.21
CA HIS A 273 -15.53 12.89 0.10
C HIS A 273 -14.26 13.68 0.00
N LEU A 274 -13.50 13.72 1.07
CA LEU A 274 -12.23 14.44 1.07
C LEU A 274 -11.13 13.50 1.56
N TRP A 275 -10.02 13.48 0.84
CA TRP A 275 -8.92 12.57 1.13
C TRP A 275 -7.61 13.29 0.84
N ALA A 276 -6.50 12.55 0.89
CA ALA A 276 -5.19 13.14 0.71
C ALA A 276 -4.30 12.18 -0.06
N LEU A 277 -3.61 12.70 -1.07
CA LEU A 277 -2.62 11.90 -1.79
C LEU A 277 -1.34 11.74 -0.98
N THR A 278 -0.90 12.80 -0.31
CA THR A 278 0.31 12.79 0.50
C THR A 278 0.04 13.58 1.77
N LEU A 279 1.11 13.91 2.49
CA LEU A 279 0.95 14.72 3.69
C LEU A 279 0.56 16.15 3.35
N THR A 280 0.94 16.63 2.17
CA THR A 280 0.68 18.02 1.79
C THR A 280 -0.33 18.18 0.67
N TYR A 281 -0.66 17.11 -0.06
CA TYR A 281 -1.62 17.18 -1.14
C TYR A 281 -2.98 16.71 -0.64
N HIS A 282 -3.98 17.59 -0.70
CA HIS A 282 -5.32 17.30 -0.22
C HIS A 282 -6.33 17.51 -1.34
N VAL A 283 -7.28 16.58 -1.46
CA VAL A 283 -8.32 16.62 -2.47
C VAL A 283 -9.67 16.53 -1.79
N ALA A 284 -10.64 17.29 -2.28
CA ALA A 284 -11.98 17.31 -1.71
C ALA A 284 -13.02 17.25 -2.82
N SER A 285 -14.20 16.74 -2.46
CA SER A 285 -15.30 16.62 -3.38
C SER A 285 -16.59 16.52 -2.58
N ALA A 286 -17.64 17.20 -3.04
CA ALA A 286 -18.88 17.24 -2.29
C ALA A 286 -20.02 17.63 -3.22
N HIS A 287 -21.23 17.45 -2.72
CA HIS A 287 -22.44 18.00 -3.31
C HIS A 287 -22.78 19.32 -2.64
N LEU A 288 -23.62 20.10 -3.32
CA LEU A 288 -24.21 21.29 -2.71
C LEU A 288 -25.64 21.42 -3.23
N ALA A 289 -26.62 21.22 -2.35
CA ALA A 289 -28.02 21.35 -2.72
C ALA A 289 -28.45 22.79 -2.51
N ILE A 290 -28.85 23.45 -3.59
CA ILE A 290 -29.20 24.87 -3.54
C ILE A 290 -30.70 25.02 -3.80
N ASP A 291 -31.24 26.12 -3.30
CA ASP A 291 -32.65 26.43 -3.52
C ASP A 291 -32.83 27.10 -4.89
N SER A 292 -34.09 27.25 -5.28
CA SER A 292 -34.42 27.78 -6.61
C SER A 292 -34.07 29.26 -6.74
N THR A 293 -33.78 29.96 -5.65
CA THR A 293 -33.51 31.39 -5.68
C THR A 293 -32.03 31.73 -5.73
N ALA A 294 -31.15 30.73 -5.85
CA ALA A 294 -29.71 30.93 -5.84
C ALA A 294 -29.11 30.60 -7.20
N ASP A 295 -28.16 31.43 -7.63
CA ASP A 295 -27.44 31.17 -8.86
C ASP A 295 -26.40 30.09 -8.64
N PRO A 296 -26.43 28.98 -9.39
CA PRO A 296 -25.48 27.89 -9.14
C PRO A 296 -24.02 28.31 -9.27
N GLU A 297 -23.69 29.17 -10.25
CA GLU A 297 -22.30 29.56 -10.42
C GLU A 297 -21.81 30.45 -9.28
N ALA A 298 -22.68 31.33 -8.77
CA ALA A 298 -22.27 32.20 -7.68
C ALA A 298 -21.89 31.38 -6.44
N VAL A 299 -22.78 30.47 -6.04
CA VAL A 299 -22.49 29.65 -4.86
C VAL A 299 -21.33 28.71 -5.12
N LEU A 300 -21.21 28.19 -6.35
CA LEU A 300 -20.09 27.32 -6.68
C LEU A 300 -18.76 28.05 -6.54
N ALA A 301 -18.66 29.25 -7.11
CA ALA A 301 -17.44 30.02 -7.03
C ALA A 301 -17.13 30.41 -5.59
N GLU A 302 -18.15 30.82 -4.84
CA GLU A 302 -17.93 31.20 -3.45
C GLU A 302 -17.43 30.02 -2.63
N ALA A 303 -18.04 28.85 -2.80
CA ALA A 303 -17.62 27.67 -2.04
C ALA A 303 -16.20 27.25 -2.42
N SER A 304 -15.88 27.25 -3.73
CA SER A 304 -14.54 26.88 -4.15
C SER A 304 -13.50 27.85 -3.58
N SER A 305 -13.79 29.15 -3.64
CA SER A 305 -12.85 30.14 -3.12
C SER A 305 -12.67 29.98 -1.62
N ARG A 306 -13.77 29.77 -0.88
CA ARG A 306 -13.67 29.61 0.57
C ARG A 306 -12.87 28.37 0.93
N LEU A 307 -13.11 27.25 0.24
CA LEU A 307 -12.37 26.03 0.53
C LEU A 307 -10.89 26.20 0.23
N TYR A 308 -10.56 26.77 -0.92
CA TYR A 308 -9.15 26.94 -1.29
C TYR A 308 -8.45 27.90 -0.34
N SER A 309 -9.15 28.95 0.11
CA SER A 309 -8.52 29.93 0.99
C SER A 309 -8.34 29.38 2.39
N ARG A 310 -9.33 28.66 2.92
CA ARG A 310 -9.28 28.23 4.31
C ARG A 310 -8.49 26.94 4.51
N PHE A 311 -8.66 25.94 3.64
CA PHE A 311 -8.02 24.65 3.83
C PHE A 311 -6.91 24.36 2.84
N GLY A 312 -6.81 25.13 1.76
CA GLY A 312 -5.77 24.90 0.78
C GLY A 312 -5.88 23.57 0.05
N PHE A 313 -7.08 23.19 -0.34
CA PHE A 313 -7.27 21.95 -1.07
C PHE A 313 -6.65 22.06 -2.46
N SER A 314 -5.85 21.07 -2.83
CA SER A 314 -5.18 21.10 -4.13
C SER A 314 -6.13 20.85 -5.29
N SER A 315 -7.30 20.25 -5.02
CA SER A 315 -8.28 19.99 -6.07
C SER A 315 -9.63 19.78 -5.42
N CYS A 316 -10.57 20.69 -5.70
CA CYS A 316 -11.93 20.60 -5.16
C CYS A 316 -12.91 20.54 -6.33
N THR A 317 -13.70 19.48 -6.38
CA THR A 317 -14.71 19.28 -7.42
C THR A 317 -16.05 19.09 -6.72
N LEU A 318 -16.88 20.12 -6.73
CA LEU A 318 -18.15 20.12 -6.01
C LEU A 318 -19.31 20.19 -6.99
N GLN A 319 -20.39 19.46 -6.66
CA GLN A 319 -21.54 19.32 -7.53
C GLN A 319 -22.71 20.09 -6.95
N VAL A 320 -23.42 20.85 -7.78
CA VAL A 320 -24.53 21.69 -7.36
C VAL A 320 -25.82 21.09 -7.89
N GLU A 321 -26.85 21.07 -7.04
CA GLU A 321 -28.15 20.51 -7.39
C GLU A 321 -29.25 21.34 -6.75
N GLN A 322 -30.46 21.22 -7.30
CA GLN A 322 -31.63 21.77 -6.64
C GLN A 322 -31.93 20.97 -5.38
N TYR A 323 -32.56 21.62 -4.40
CA TYR A 323 -32.71 21.00 -3.09
C TYR A 323 -33.57 19.74 -3.16
N GLN A 324 -34.68 19.79 -3.88
CA GLN A 324 -35.54 18.62 -4.10
C GLN A 324 -35.89 17.96 -2.77
N PRO A 325 -36.86 18.51 -2.02
CA PRO A 325 -37.02 18.15 -0.60
C PRO A 325 -37.17 16.65 -0.32
N GLU A 326 -37.22 15.83 -1.37
CA GLU A 326 -37.12 14.38 -1.16
C GLU A 326 -35.80 13.98 -0.53
N MET A 327 -34.77 14.83 -0.62
CA MET A 327 -33.50 14.55 0.04
C MET A 327 -33.61 14.50 1.55
N ALA A 328 -34.64 15.12 2.13
CA ALA A 328 -34.79 15.10 3.59
C ALA A 328 -34.99 13.67 4.10
N GLN A 329 -35.80 12.88 3.40
CA GLN A 329 -36.10 11.52 3.82
C GLN A 329 -35.24 10.47 3.13
N CYS A 330 -34.37 10.86 2.19
CA CYS A 330 -33.55 9.88 1.50
C CYS A 330 -32.47 9.35 2.44
N LEU A 331 -31.96 8.15 2.13
CA LEU A 331 -31.17 7.41 3.10
C LEU A 331 -29.68 7.77 3.05
N ARG A 332 -29.01 7.50 1.93
CA ARG A 332 -27.55 7.54 1.92
C ARG A 332 -27.02 8.95 1.73
N CYS A 333 -27.87 9.95 1.56
CA CYS A 333 -27.45 11.35 1.52
C CYS A 333 -27.59 12.00 2.89
N GLN A 334 -27.35 11.22 3.93
CA GLN A 334 -27.29 11.71 5.31
C GLN A 334 -25.85 11.61 5.79
N GLU A 335 -25.41 12.63 6.52
CA GLU A 335 -24.02 12.69 6.93
C GLU A 335 -23.69 11.55 7.90
N PRO A 336 -22.47 11.03 7.83
CA PRO A 336 -22.09 9.96 8.76
C PRO A 336 -22.12 10.45 10.18
N PRO A 337 -22.46 9.58 11.14
CA PRO A 337 -22.60 10.03 12.53
C PRO A 337 -21.24 10.31 13.17
N GLN A 338 -21.29 11.10 14.23
CA GLN A 338 -20.08 11.48 14.97
C GLN A 338 -19.60 10.29 15.78
N ALA A 339 -18.59 9.60 15.25
CA ALA A 339 -18.02 8.43 15.92
C ALA A 339 -16.59 8.24 15.46
N SER A 340 -15.73 7.81 16.38
CA SER A 340 -14.34 7.56 16.04
C SER A 340 -14.21 6.22 15.31
N ASP A 341 -13.05 6.01 14.70
CA ASP A 341 -12.80 4.76 13.98
C ASP A 341 -12.84 3.57 14.92
N LEU A 342 -12.27 3.71 16.12
CA LEU A 342 -12.35 2.64 17.09
C LEU A 342 -13.78 2.41 17.54
N GLU A 343 -14.55 3.48 17.72
CA GLU A 343 -15.92 3.34 18.22
C GLU A 343 -16.79 2.58 17.22
N VAL A 344 -16.72 2.93 15.94
CA VAL A 344 -17.53 2.23 14.95
C VAL A 344 -17.08 0.79 14.79
N LEU A 345 -15.77 0.53 14.89
CA LEU A 345 -15.27 -0.82 14.70
C LEU A 345 -15.64 -1.74 15.86
N PHE A 346 -15.89 -1.19 17.04
CA PHE A 346 -16.28 -2.01 18.18
C PHE A 346 -17.65 -2.67 17.97
N GLN A 347 -18.49 -2.12 17.12
CA GLN A 347 -19.73 -2.80 16.75
C GLN A 347 -19.49 -3.95 15.79
N GLY A 348 -18.30 -4.06 15.22
CA GLY A 348 -17.95 -5.11 14.30
C GLY A 348 -17.99 -6.52 14.87
N PRO A 349 -17.41 -6.74 16.08
CA PRO A 349 -17.37 -8.09 16.65
C PRO A 349 -18.68 -8.89 16.58
N GLU A 350 -19.81 -8.20 16.48
CA GLU A 350 -21.07 -8.91 16.26
C GLU A 350 -21.10 -9.65 14.93
N PHE A 351 -20.23 -9.27 13.99
CA PHE A 351 -20.17 -9.93 12.70
C PHE A 351 -19.67 -11.36 12.81
N TRP A 352 -18.58 -11.57 13.56
CA TRP A 352 -17.95 -12.89 13.62
C TRP A 352 -18.87 -13.93 14.27
N SER A 353 -19.52 -13.56 15.37
CA SER A 353 -20.39 -14.50 16.07
C SER A 353 -21.55 -14.94 15.20
N HIS A 354 -22.42 -13.98 14.84
CA HIS A 354 -23.59 -14.24 14.00
C HIS A 354 -24.48 -15.36 14.56
N HIS B 4 -35.87 10.93 -9.91
CA HIS B 4 -35.67 11.50 -8.58
C HIS B 4 -34.44 12.41 -8.56
N HIS B 5 -33.42 12.00 -7.83
CA HIS B 5 -32.18 12.77 -7.73
C HIS B 5 -31.03 11.77 -7.84
N CYS B 6 -29.83 12.18 -7.40
CA CYS B 6 -28.59 11.44 -7.69
C CYS B 6 -28.59 10.03 -7.11
N HIS B 7 -29.70 9.65 -6.49
CA HIS B 7 -29.94 8.33 -5.91
C HIS B 7 -30.59 7.37 -6.90
N ARG B 8 -30.75 7.78 -8.16
CA ARG B 8 -31.49 6.97 -9.12
C ARG B 8 -30.83 5.61 -9.32
N ASP B 9 -31.63 4.56 -9.22
CA ASP B 9 -31.21 3.16 -9.36
C ASP B 9 -30.01 2.86 -8.48
N PRO B 10 -29.99 3.33 -7.24
CA PRO B 10 -28.85 3.04 -6.36
C PRO B 10 -29.03 1.73 -5.62
N LEU B 11 -27.95 0.96 -5.59
CA LEU B 11 -27.97 -0.31 -4.86
C LEU B 11 -27.75 -0.06 -3.38
N PRO B 12 -28.70 -0.39 -2.51
CA PRO B 12 -28.53 -0.17 -1.08
C PRO B 12 -27.72 -1.28 -0.45
N PRO B 13 -26.52 -0.99 0.05
CA PRO B 13 -25.69 -2.03 0.66
C PRO B 13 -26.07 -2.25 2.11
N PRO B 14 -26.57 -3.43 2.45
CA PRO B 14 -26.86 -3.75 3.85
C PRO B 14 -25.62 -4.31 4.54
N GLY B 15 -25.72 -4.39 5.87
CA GLY B 15 -24.61 -4.89 6.65
C GLY B 15 -24.48 -6.40 6.67
N LEU B 16 -25.48 -7.09 7.23
CA LEU B 16 -25.43 -8.54 7.40
C LEU B 16 -26.30 -9.21 6.33
N THR B 17 -25.77 -9.27 5.13
CA THR B 17 -26.44 -10.00 4.06
C THR B 17 -26.32 -11.50 4.31
N PRO B 18 -27.39 -12.28 4.16
CA PRO B 18 -27.27 -13.74 4.32
C PRO B 18 -26.25 -14.35 3.37
N GLU B 19 -26.19 -13.86 2.13
CA GLU B 19 -25.15 -14.32 1.21
C GLU B 19 -23.76 -13.98 1.74
N ARG B 20 -23.62 -12.78 2.32
CA ARG B 20 -22.35 -12.41 2.93
C ARG B 20 -21.99 -13.34 4.07
N LEU B 21 -22.97 -13.72 4.89
CA LEU B 21 -22.72 -14.65 5.99
C LEU B 21 -22.31 -16.02 5.47
N HIS B 22 -22.96 -16.50 4.41
CA HIS B 22 -22.56 -17.77 3.81
C HIS B 22 -21.12 -17.69 3.30
N ALA B 23 -20.78 -16.58 2.64
CA ALA B 23 -19.44 -16.41 2.11
C ALA B 23 -18.40 -16.41 3.22
N ARG B 24 -18.67 -15.68 4.31
CA ARG B 24 -17.73 -15.62 5.41
C ARG B 24 -17.61 -16.99 6.10
N ARG B 25 -18.71 -17.74 6.18
CA ARG B 25 -18.66 -19.06 6.79
C ARG B 25 -17.76 -20.00 6.00
N GLN B 26 -18.02 -20.12 4.68
CA GLN B 26 -17.18 -20.99 3.87
C GLN B 26 -15.75 -20.49 3.86
N LEU B 27 -15.56 -19.17 3.96
CA LEU B 27 -14.21 -18.62 3.95
C LEU B 27 -13.41 -19.05 5.18
N TYR B 28 -14.00 -18.92 6.38
CA TYR B 28 -13.16 -19.31 7.50
C TYR B 28 -13.08 -20.83 7.63
N ALA B 29 -14.04 -21.58 7.08
CA ALA B 29 -13.87 -23.03 7.04
C ALA B 29 -12.65 -23.40 6.19
N ALA B 30 -12.56 -22.82 4.99
CA ALA B 30 -11.39 -23.08 4.15
C ALA B 30 -10.11 -22.61 4.81
N CYS B 31 -10.16 -21.45 5.48
CA CYS B 31 -8.99 -20.94 6.18
C CYS B 31 -8.53 -21.89 7.29
N ALA B 32 -9.47 -22.41 8.07
CA ALA B 32 -9.10 -23.34 9.14
C ALA B 32 -8.50 -24.61 8.59
N VAL B 33 -9.09 -25.16 7.52
CA VAL B 33 -8.53 -26.36 6.91
C VAL B 33 -7.11 -26.10 6.41
N CYS B 34 -6.92 -24.97 5.71
CA CYS B 34 -5.60 -24.65 5.20
C CYS B 34 -4.59 -24.48 6.33
N PHE B 35 -5.00 -23.81 7.41
CA PHE B 35 -4.07 -23.58 8.51
C PHE B 35 -3.67 -24.88 9.20
N VAL B 36 -4.64 -25.76 9.46
CA VAL B 36 -4.29 -27.00 10.16
C VAL B 36 -3.41 -27.88 9.27
N PHE B 37 -3.69 -27.93 7.97
CA PHE B 37 -2.85 -28.76 7.11
C PHE B 37 -1.47 -28.14 6.92
N MET B 38 -1.39 -26.81 6.92
CA MET B 38 -0.10 -26.14 6.91
C MET B 38 0.71 -26.48 8.15
N ALA B 39 0.07 -26.48 9.32
CA ALA B 39 0.78 -26.81 10.54
C ALA B 39 1.32 -28.23 10.49
N GLY B 40 0.47 -29.18 10.09
CA GLY B 40 0.95 -30.55 9.97
C GLY B 40 2.10 -30.69 8.99
N GLU B 41 1.99 -30.02 7.83
CA GLU B 41 3.00 -30.14 6.80
C GLU B 41 4.31 -29.48 7.22
N VAL B 42 4.25 -28.36 7.93
CA VAL B 42 5.49 -27.71 8.36
C VAL B 42 6.16 -28.51 9.46
N VAL B 43 5.37 -29.15 10.33
CA VAL B 43 5.98 -30.07 11.30
C VAL B 43 6.69 -31.21 10.57
N GLY B 44 6.04 -31.78 9.56
CA GLY B 44 6.69 -32.82 8.77
C GLY B 44 7.95 -32.34 8.10
N GLY B 45 7.93 -31.12 7.55
CA GLY B 45 9.10 -30.59 6.88
C GLY B 45 10.25 -30.32 7.83
N TYR B 46 9.94 -29.81 9.03
CA TYR B 46 10.97 -29.64 10.04
C TYR B 46 11.57 -30.98 10.44
N LEU B 47 10.74 -32.02 10.53
CA LEU B 47 11.26 -33.34 10.80
C LEU B 47 12.17 -33.84 9.68
N ALA B 48 11.81 -33.55 8.42
CA ALA B 48 12.53 -34.08 7.27
C ALA B 48 13.79 -33.30 6.92
N HIS B 49 13.97 -32.11 7.47
CA HIS B 49 15.14 -31.26 7.17
C HIS B 49 15.28 -30.99 5.68
N SER B 50 14.15 -30.74 5.01
CA SER B 50 14.13 -30.44 3.59
C SER B 50 13.57 -29.04 3.36
N LEU B 51 13.59 -28.61 2.11
CA LEU B 51 13.12 -27.28 1.74
C LEU B 51 12.05 -27.25 0.67
N ALA B 52 11.87 -28.32 -0.11
CA ALA B 52 10.79 -28.33 -1.09
C ALA B 52 9.43 -28.34 -0.40
N ILE B 53 9.26 -29.21 0.60
CA ILE B 53 8.01 -29.18 1.35
C ILE B 53 7.91 -27.90 2.17
N MET B 54 9.05 -27.28 2.50
CA MET B 54 8.99 -25.95 3.11
C MET B 54 8.44 -24.92 2.13
N THR B 55 8.78 -25.05 0.85
CA THR B 55 8.18 -24.17 -0.16
C THR B 55 6.68 -24.42 -0.29
N ASP B 56 6.27 -25.70 -0.24
CA ASP B 56 4.84 -25.99 -0.26
C ASP B 56 4.14 -25.39 0.95
N ALA B 57 4.77 -25.48 2.13
CA ALA B 57 4.19 -24.87 3.33
C ALA B 57 4.14 -23.36 3.20
N ALA B 58 5.13 -22.77 2.54
CA ALA B 58 5.09 -21.33 2.27
C ALA B 58 3.92 -20.98 1.36
N HIS B 59 3.65 -21.81 0.36
CA HIS B 59 2.48 -21.58 -0.48
C HIS B 59 1.19 -21.69 0.32
N LEU B 60 1.12 -22.66 1.23
CA LEU B 60 -0.05 -22.78 2.09
C LEU B 60 -0.20 -21.54 2.99
N LEU B 61 0.92 -21.02 3.47
CA LEU B 61 0.90 -19.79 4.27
C LEU B 61 0.41 -18.62 3.44
N ALA B 62 0.82 -18.54 2.18
CA ALA B 62 0.32 -17.49 1.30
C ALA B 62 -1.18 -17.62 1.08
N ASP B 63 -1.67 -18.85 0.92
CA ASP B 63 -3.11 -19.05 0.77
C ASP B 63 -3.85 -18.63 2.04
N VAL B 64 -3.31 -18.97 3.20
CA VAL B 64 -3.94 -18.57 4.46
C VAL B 64 -3.95 -17.06 4.59
N GLY B 65 -2.86 -16.40 4.21
CA GLY B 65 -2.81 -14.96 4.26
C GLY B 65 -3.81 -14.31 3.31
N SER B 66 -3.94 -14.86 2.11
CA SER B 66 -4.92 -14.34 1.17
C SER B 66 -6.34 -14.50 1.70
N MET B 67 -6.63 -15.65 2.31
CA MET B 67 -7.95 -15.84 2.91
C MET B 67 -8.18 -14.89 4.08
N MET B 68 -7.16 -14.64 4.90
CA MET B 68 -7.30 -13.68 5.99
C MET B 68 -7.56 -12.28 5.45
N GLY B 69 -6.85 -11.89 4.40
CA GLY B 69 -7.04 -10.59 3.78
C GLY B 69 -8.43 -10.44 3.20
N SER B 70 -8.95 -11.50 2.59
CA SER B 70 -10.31 -11.50 2.08
C SER B 70 -11.34 -11.44 3.20
N LEU B 71 -11.10 -12.17 4.30
CA LEU B 71 -12.06 -12.21 5.39
C LEU B 71 -12.14 -10.87 6.12
N PHE B 72 -10.99 -10.26 6.40
CA PHE B 72 -11.00 -8.94 7.02
C PHE B 72 -11.68 -7.92 6.11
N SER B 73 -11.42 -7.99 4.81
CA SER B 73 -12.08 -7.09 3.88
C SER B 73 -13.58 -7.30 3.87
N LEU B 74 -14.02 -8.56 3.90
CA LEU B 74 -15.45 -8.86 3.91
C LEU B 74 -16.12 -8.33 5.17
N TRP B 75 -15.49 -8.53 6.33
CA TRP B 75 -16.05 -8.01 7.56
C TRP B 75 -16.07 -6.49 7.55
N LEU B 76 -14.99 -5.88 7.07
CA LEU B 76 -14.83 -4.43 7.21
C LEU B 76 -15.68 -3.70 6.18
N SER B 77 -16.09 -4.38 5.11
CA SER B 77 -16.98 -3.77 4.14
C SER B 77 -18.37 -3.55 4.69
N THR B 78 -18.75 -4.26 5.76
CA THR B 78 -20.08 -4.07 6.34
C THR B 78 -20.16 -2.77 7.11
N ARG B 79 -19.03 -2.28 7.65
CA ARG B 79 -19.06 -1.08 8.45
C ARG B 79 -19.31 0.15 7.57
N PRO B 80 -20.11 1.11 8.03
CA PRO B 80 -20.42 2.28 7.20
C PRO B 80 -19.26 3.26 7.17
N ALA B 81 -19.34 4.18 6.22
CA ALA B 81 -18.34 5.23 6.11
C ALA B 81 -18.44 6.17 7.31
N THR B 82 -17.29 6.54 7.85
CA THR B 82 -17.21 7.41 9.02
C THR B 82 -16.76 8.80 8.58
N ARG B 83 -16.56 9.69 9.57
CA ARG B 83 -16.12 11.04 9.30
C ARG B 83 -14.63 11.12 8.98
N THR B 84 -13.87 10.04 9.17
CA THR B 84 -12.48 9.97 8.78
C THR B 84 -12.23 8.97 7.66
N MET B 85 -13.26 8.24 7.23
CA MET B 85 -13.16 7.27 6.15
C MET B 85 -14.35 7.46 5.21
N THR B 86 -14.55 8.71 4.77
CA THR B 86 -15.76 9.09 4.06
C THR B 86 -16.03 8.19 2.85
N PHE B 87 -14.97 7.72 2.19
CA PHE B 87 -15.17 6.79 1.08
C PHE B 87 -15.63 5.43 1.57
N GLY B 88 -15.21 5.04 2.76
CA GLY B 88 -15.50 3.72 3.29
C GLY B 88 -14.23 2.93 3.48
N TRP B 89 -14.42 1.69 3.94
CA TRP B 89 -13.31 0.78 4.22
C TRP B 89 -13.07 -0.18 3.07
N HIS B 90 -13.30 0.27 1.84
CA HIS B 90 -13.21 -0.63 0.68
C HIS B 90 -11.76 -1.02 0.40
N ARG B 91 -10.84 -0.08 0.48
CA ARG B 91 -9.46 -0.35 0.05
C ARG B 91 -8.72 -1.30 0.99
N SER B 92 -9.38 -1.79 2.03
CA SER B 92 -8.80 -2.82 2.87
C SER B 92 -8.50 -4.08 2.07
N GLU B 93 -9.29 -4.39 1.05
CA GLU B 93 -9.01 -5.54 0.20
C GLU B 93 -7.68 -5.37 -0.53
N THR B 94 -7.45 -4.20 -1.11
CA THR B 94 -6.19 -3.96 -1.80
C THR B 94 -5.01 -3.98 -0.83
N LEU B 95 -5.18 -3.37 0.34
CA LEU B 95 -4.10 -3.38 1.31
C LEU B 95 -3.79 -4.79 1.81
N GLY B 96 -4.82 -5.61 2.00
CA GLY B 96 -4.60 -6.99 2.39
C GLY B 96 -3.90 -7.79 1.30
N ALA B 97 -4.26 -7.54 0.04
CA ALA B 97 -3.58 -8.20 -1.06
C ALA B 97 -2.10 -7.82 -1.08
N LEU B 98 -1.80 -6.53 -0.90
CA LEU B 98 -0.40 -6.11 -0.85
C LEU B 98 0.34 -6.75 0.32
N ALA B 99 -0.32 -6.84 1.47
CA ALA B 99 0.31 -7.46 2.64
C ALA B 99 0.60 -8.93 2.38
N SER B 100 -0.34 -9.64 1.75
CA SER B 100 -0.12 -11.03 1.41
C SER B 100 1.05 -11.19 0.46
N VAL B 101 1.12 -10.31 -0.55
CA VAL B 101 2.24 -10.37 -1.50
C VAL B 101 3.56 -10.13 -0.79
N VAL B 102 3.59 -9.15 0.12
CA VAL B 102 4.83 -8.86 0.85
C VAL B 102 5.24 -10.03 1.73
N SER B 103 4.28 -10.66 2.41
CA SER B 103 4.59 -11.82 3.24
C SER B 103 5.13 -12.97 2.40
N LEU B 104 4.51 -13.21 1.24
CA LEU B 104 5.02 -14.24 0.34
C LEU B 104 6.43 -13.91 -0.12
N TRP B 105 6.70 -12.64 -0.43
CA TRP B 105 8.05 -12.24 -0.83
C TRP B 105 9.05 -12.51 0.28
N MET B 106 8.70 -12.16 1.51
CA MET B 106 9.64 -12.36 2.63
C MET B 106 9.93 -13.84 2.84
N VAL B 107 8.89 -14.67 2.88
CA VAL B 107 9.11 -16.09 3.12
C VAL B 107 9.88 -16.72 1.96
N THR B 108 9.54 -16.36 0.73
CA THR B 108 10.24 -16.90 -0.43
C THR B 108 11.70 -16.47 -0.44
N GLY B 109 11.98 -15.23 -0.04
CA GLY B 109 13.36 -14.78 0.04
C GLY B 109 14.15 -15.54 1.08
N ILE B 110 13.54 -15.77 2.25
CA ILE B 110 14.22 -16.55 3.29
C ILE B 110 14.54 -17.95 2.78
N LEU B 111 13.55 -18.60 2.16
CA LEU B 111 13.76 -19.95 1.65
C LEU B 111 14.79 -19.97 0.53
N LEU B 112 14.79 -18.94 -0.32
CA LEU B 112 15.77 -18.86 -1.39
C LEU B 112 17.19 -18.72 -0.84
N TYR B 113 17.35 -17.89 0.19
CA TYR B 113 18.66 -17.75 0.80
C TYR B 113 19.11 -19.06 1.44
N LEU B 114 18.19 -19.75 2.12
CA LEU B 114 18.55 -21.04 2.71
C LEU B 114 18.95 -22.06 1.64
N ALA B 115 18.22 -22.08 0.52
CA ALA B 115 18.56 -22.98 -0.57
C ALA B 115 19.93 -22.64 -1.15
N PHE B 116 20.23 -21.35 -1.30
CA PHE B 116 21.53 -20.94 -1.80
C PHE B 116 22.66 -21.38 -0.86
N VAL B 117 22.45 -21.21 0.44
CA VAL B 117 23.43 -21.66 1.42
C VAL B 117 23.63 -23.17 1.34
N ARG B 118 22.52 -23.92 1.23
CA ARG B 118 22.64 -25.37 1.13
C ARG B 118 23.36 -25.79 -0.15
N LEU B 119 23.11 -25.08 -1.25
CA LEU B 119 23.79 -25.41 -2.51
C LEU B 119 25.28 -25.14 -2.43
N LEU B 120 25.68 -24.03 -1.81
CA LEU B 120 27.10 -23.71 -1.75
C LEU B 120 27.84 -24.53 -0.69
N HIS B 121 27.41 -24.44 0.56
CA HIS B 121 28.10 -25.16 1.64
C HIS B 121 27.98 -26.67 1.44
N SER B 122 26.82 -27.14 1.02
CA SER B 122 26.58 -28.57 0.76
C SER B 122 26.88 -29.42 1.99
N ASP B 123 26.41 -28.98 3.15
CA ASP B 123 26.58 -29.70 4.41
C ASP B 123 25.21 -29.84 5.06
N TYR B 124 24.49 -30.89 4.70
CA TYR B 124 23.17 -31.14 5.25
C TYR B 124 22.80 -32.61 5.06
N HIS B 125 21.87 -33.08 5.88
CA HIS B 125 21.35 -34.43 5.79
C HIS B 125 19.83 -34.37 5.68
N ILE B 126 19.27 -35.25 4.85
CA ILE B 126 17.84 -35.29 4.57
C ILE B 126 17.29 -36.65 4.99
N GLU B 127 16.26 -36.62 5.82
CA GLU B 127 15.60 -37.84 6.27
C GLU B 127 14.60 -38.28 5.20
N GLY B 128 15.00 -39.24 4.37
CA GLY B 128 14.13 -39.67 3.28
C GLY B 128 12.85 -40.30 3.75
N GLY B 129 12.91 -41.03 4.87
CA GLY B 129 11.72 -41.71 5.37
C GLY B 129 10.63 -40.74 5.78
N ALA B 130 11.00 -39.66 6.48
CA ALA B 130 10.00 -38.68 6.90
C ALA B 130 9.54 -37.82 5.72
N MET B 131 10.47 -37.43 4.85
CA MET B 131 10.12 -36.56 3.73
C MET B 131 9.13 -37.23 2.80
N LEU B 132 9.36 -38.51 2.49
CA LEU B 132 8.44 -39.23 1.62
C LEU B 132 7.05 -39.31 2.22
N LEU B 133 6.96 -39.65 3.50
CA LEU B 133 5.66 -39.77 4.15
C LEU B 133 4.93 -38.45 4.17
N THR B 134 5.62 -37.35 4.50
CA THR B 134 4.95 -36.06 4.59
C THR B 134 4.57 -35.52 3.20
N ALA B 135 5.40 -35.79 2.19
CA ALA B 135 5.03 -35.40 0.82
C ALA B 135 3.81 -36.18 0.33
N SER B 136 3.76 -37.48 0.61
CA SER B 136 2.58 -38.26 0.25
C SER B 136 1.35 -37.77 1.01
N ILE B 137 1.52 -37.38 2.27
CA ILE B 137 0.41 -36.81 3.03
C ILE B 137 -0.09 -35.54 2.37
N ALA B 138 0.84 -34.69 1.92
CA ALA B 138 0.43 -33.45 1.25
C ALA B 138 -0.31 -33.75 -0.06
N VAL B 139 0.17 -34.73 -0.83
CA VAL B 139 -0.50 -35.08 -2.08
C VAL B 139 -1.91 -35.59 -1.80
N CYS B 140 -2.05 -36.45 -0.79
CA CYS B 140 -3.36 -36.95 -0.41
C CYS B 140 -4.26 -35.82 0.08
N ALA B 141 -3.68 -34.85 0.77
CA ALA B 141 -4.47 -33.70 1.23
C ALA B 141 -5.00 -32.90 0.06
N ASN B 142 -4.17 -32.66 -0.95
CA ASN B 142 -4.63 -31.92 -2.12
C ASN B 142 -5.70 -32.69 -2.87
N LEU B 143 -5.52 -34.01 -3.00
CA LEU B 143 -6.55 -34.82 -3.65
C LEU B 143 -7.86 -34.78 -2.88
N LEU B 144 -7.79 -34.84 -1.54
CA LEU B 144 -8.99 -34.76 -0.72
C LEU B 144 -9.69 -33.42 -0.88
N MET B 145 -8.91 -32.33 -0.90
CA MET B 145 -9.50 -31.00 -1.09
C MET B 145 -10.18 -30.90 -2.45
N ALA B 146 -9.53 -31.42 -3.50
CA ALA B 146 -10.14 -31.39 -4.82
C ALA B 146 -11.43 -32.20 -4.87
N PHE B 147 -11.42 -33.39 -4.26
CA PHE B 147 -12.62 -34.21 -4.24
C PHE B 147 -13.75 -33.53 -3.47
N VAL B 148 -13.43 -32.90 -2.34
CA VAL B 148 -14.44 -32.20 -1.56
C VAL B 148 -15.02 -31.04 -2.37
N LEU B 149 -14.15 -30.27 -3.03
CA LEU B 149 -14.62 -29.13 -3.80
C LEU B 149 -15.50 -29.56 -4.96
N HIS B 150 -15.13 -30.61 -5.67
CA HIS B 150 -15.96 -31.10 -6.76
C HIS B 150 -17.30 -31.62 -6.24
N GLN B 151 -17.28 -32.31 -5.10
CA GLN B 151 -18.51 -32.85 -4.54
C GLN B 151 -19.42 -31.75 -4.00
N ALA B 152 -18.84 -30.67 -3.49
CA ALA B 152 -19.61 -29.59 -2.89
C ALA B 152 -19.97 -28.50 -3.89
N GLY B 153 -19.66 -28.68 -5.16
CA GLY B 153 -19.98 -27.69 -6.17
C GLY B 153 -21.40 -27.81 -6.65
N PRO B 154 -21.60 -27.76 -7.99
CA PRO B 154 -22.94 -27.88 -8.58
C PRO B 154 -23.42 -29.32 -8.66
N GLY B 179 -21.17 -18.44 -3.20
CA GLY B 179 -20.70 -19.81 -3.28
C GLY B 179 -20.80 -20.40 -4.66
N ASN B 180 -21.55 -19.73 -5.54
CA ASN B 180 -21.69 -20.20 -6.91
C ASN B 180 -20.38 -20.18 -7.66
N THR B 181 -19.58 -19.12 -7.47
CA THR B 181 -18.31 -18.97 -8.15
C THR B 181 -17.11 -19.14 -7.24
N SER B 182 -17.29 -19.10 -5.92
CA SER B 182 -16.17 -19.26 -5.01
C SER B 182 -15.58 -20.66 -5.09
N VAL B 183 -16.43 -21.68 -5.11
CA VAL B 183 -15.95 -23.06 -5.17
C VAL B 183 -15.23 -23.31 -6.49
N ARG B 184 -15.81 -22.84 -7.60
CA ARG B 184 -15.16 -23.01 -8.90
C ARG B 184 -13.82 -22.29 -8.95
N ALA B 185 -13.75 -21.10 -8.37
CA ALA B 185 -12.49 -20.36 -8.33
C ALA B 185 -11.45 -21.10 -7.50
N ALA B 186 -11.86 -21.70 -6.38
CA ALA B 186 -10.92 -22.41 -5.53
C ALA B 186 -10.48 -23.73 -6.15
N PHE B 187 -11.31 -24.33 -7.00
CA PHE B 187 -10.97 -25.63 -7.58
C PHE B 187 -9.71 -25.54 -8.44
N VAL B 188 -9.59 -24.48 -9.24
CA VAL B 188 -8.41 -24.33 -10.09
C VAL B 188 -7.15 -24.20 -9.26
N HIS B 189 -7.21 -23.40 -8.19
CA HIS B 189 -6.05 -23.26 -7.32
C HIS B 189 -5.71 -24.56 -6.62
N VAL B 190 -6.71 -25.34 -6.23
CA VAL B 190 -6.44 -26.64 -5.63
C VAL B 190 -5.74 -27.54 -6.64
N LEU B 191 -6.16 -27.49 -7.90
CA LEU B 191 -5.49 -28.28 -8.94
C LEU B 191 -4.04 -27.85 -9.12
N GLY B 192 -3.79 -26.54 -9.10
CA GLY B 192 -2.41 -26.06 -9.21
C GLY B 192 -1.54 -26.49 -8.05
N ASP B 193 -2.08 -26.36 -6.83
CA ASP B 193 -1.36 -26.84 -5.64
C ASP B 193 -1.10 -28.34 -5.73
N LEU B 194 -2.06 -29.09 -6.29
CA LEU B 194 -1.88 -30.52 -6.46
C LEU B 194 -0.77 -30.83 -7.45
N LEU B 195 -0.67 -30.06 -8.54
CA LEU B 195 0.42 -30.26 -9.48
C LEU B 195 1.77 -29.97 -8.82
N GLN B 196 1.86 -28.87 -8.05
CA GLN B 196 3.09 -28.58 -7.34
C GLN B 196 3.42 -29.66 -6.32
N SER B 197 2.41 -30.23 -5.67
CA SER B 197 2.62 -31.31 -4.73
C SER B 197 3.12 -32.57 -5.44
N PHE B 198 2.63 -32.84 -6.65
CA PHE B 198 3.20 -33.92 -7.44
C PHE B 198 4.66 -33.67 -7.77
N GLY B 199 5.01 -32.43 -8.09
CA GLY B 199 6.41 -32.11 -8.33
C GLY B 199 7.28 -32.41 -7.12
N VAL B 200 6.83 -31.96 -5.95
CA VAL B 200 7.58 -32.21 -4.73
C VAL B 200 7.63 -33.69 -4.41
N LEU B 201 6.55 -34.42 -4.69
CA LEU B 201 6.53 -35.86 -4.46
C LEU B 201 7.51 -36.58 -5.37
N ALA B 202 7.62 -36.16 -6.62
CA ALA B 202 8.61 -36.73 -7.52
C ALA B 202 10.01 -36.46 -7.02
N ALA B 203 10.27 -35.24 -6.55
CA ALA B 203 11.56 -34.95 -5.95
C ALA B 203 11.84 -35.84 -4.76
N SER B 204 10.83 -36.08 -3.92
CA SER B 204 10.99 -36.94 -2.76
C SER B 204 11.28 -38.38 -3.15
N ILE B 205 10.60 -38.88 -4.19
CA ILE B 205 10.90 -40.21 -4.72
C ILE B 205 12.36 -40.28 -5.16
N LEU B 206 12.80 -39.29 -5.92
CA LEU B 206 14.16 -39.30 -6.43
C LEU B 206 15.17 -39.28 -5.30
N ILE B 207 14.91 -38.49 -4.25
CA ILE B 207 15.82 -38.44 -3.11
C ILE B 207 15.82 -39.76 -2.36
N TYR B 208 14.63 -40.33 -2.10
CA TYR B 208 14.54 -41.52 -1.27
C TYR B 208 15.17 -42.73 -1.95
N PHE B 209 14.90 -42.90 -3.25
CA PHE B 209 15.44 -44.07 -3.94
C PHE B 209 16.95 -43.97 -4.11
N LYS B 210 17.47 -42.77 -4.37
CA LYS B 210 18.89 -42.54 -4.57
C LYS B 210 19.32 -41.43 -3.62
N PRO B 211 19.67 -41.76 -2.37
CA PRO B 211 20.01 -40.73 -1.39
C PRO B 211 21.21 -39.89 -1.78
N GLN B 212 22.09 -40.38 -2.65
CA GLN B 212 23.24 -39.60 -3.07
C GLN B 212 22.87 -38.44 -3.98
N TYR B 213 21.63 -38.38 -4.47
CA TYR B 213 21.11 -37.18 -5.11
C TYR B 213 20.42 -36.27 -4.10
N LYS B 214 21.13 -35.95 -3.01
CA LYS B 214 20.53 -35.13 -1.96
C LYS B 214 20.36 -33.68 -2.35
N ALA B 215 20.95 -33.25 -3.47
CA ALA B 215 20.83 -31.87 -3.92
C ALA B 215 19.54 -31.60 -4.69
N ALA B 216 18.69 -32.62 -4.86
CA ALA B 216 17.43 -32.43 -5.56
C ALA B 216 16.50 -31.48 -4.80
N ASP B 217 16.49 -31.58 -3.47
CA ASP B 217 15.60 -30.74 -2.68
C ASP B 217 15.92 -29.25 -2.81
N PRO B 218 17.17 -28.79 -2.68
CA PRO B 218 17.42 -27.36 -2.91
C PRO B 218 17.08 -26.90 -4.32
N ILE B 219 17.33 -27.73 -5.33
CA ILE B 219 16.98 -27.34 -6.69
C ILE B 219 15.47 -27.20 -6.84
N SER B 220 14.72 -28.15 -6.27
CA SER B 220 13.27 -28.09 -6.35
C SER B 220 12.73 -26.87 -5.64
N THR B 221 13.24 -26.57 -4.45
CA THR B 221 12.74 -25.41 -3.73
C THR B 221 13.13 -24.11 -4.42
N PHE B 222 14.32 -24.07 -5.03
CA PHE B 222 14.71 -22.90 -5.82
C PHE B 222 13.76 -22.67 -6.97
N LEU B 223 13.49 -23.72 -7.76
CA LEU B 223 12.62 -23.59 -8.92
C LEU B 223 11.21 -23.20 -8.51
N PHE B 224 10.70 -23.81 -7.43
CA PHE B 224 9.34 -23.49 -7.01
C PHE B 224 9.22 -22.09 -6.42
N SER B 225 10.26 -21.62 -5.72
CA SER B 225 10.24 -20.24 -5.25
C SER B 225 10.26 -19.26 -6.42
N ILE B 226 11.06 -19.56 -7.45
CA ILE B 226 11.07 -18.71 -8.63
C ILE B 226 9.69 -18.69 -9.28
N CYS B 227 9.06 -19.86 -9.38
CA CYS B 227 7.71 -19.92 -9.94
C CYS B 227 6.72 -19.13 -9.11
N ALA B 228 6.83 -19.20 -7.78
CA ALA B 228 5.93 -18.44 -6.93
C ALA B 228 6.12 -16.94 -7.11
N LEU B 229 7.37 -16.49 -7.22
CA LEU B 229 7.61 -15.07 -7.47
C LEU B 229 7.05 -14.66 -8.82
N GLY B 230 7.22 -15.48 -9.84
CA GLY B 230 6.63 -15.18 -11.14
C GLY B 230 5.12 -15.10 -11.08
N SER B 231 4.50 -15.96 -10.27
CA SER B 231 3.04 -15.96 -10.16
C SER B 231 2.54 -14.76 -9.36
N THR B 232 3.31 -14.30 -8.38
CA THR B 232 2.91 -13.13 -7.60
C THR B 232 3.30 -11.81 -8.27
N ALA B 233 4.10 -11.85 -9.33
CA ALA B 233 4.42 -10.62 -10.05
C ALA B 233 3.19 -9.92 -10.61
N PRO B 234 2.25 -10.57 -11.31
CA PRO B 234 1.11 -9.83 -11.87
C PRO B 234 0.09 -9.38 -10.85
N THR B 235 -0.02 -10.04 -9.69
CA THR B 235 -0.98 -9.61 -8.68
C THR B 235 -0.48 -8.44 -7.85
N LEU B 236 0.76 -8.01 -8.04
CA LEU B 236 1.27 -6.79 -7.43
C LEU B 236 1.18 -5.60 -8.35
N ARG B 237 1.23 -5.80 -9.66
CA ARG B 237 1.09 -4.70 -10.60
C ARG B 237 -0.27 -4.03 -10.45
N ASP B 238 -1.34 -4.82 -10.36
CA ASP B 238 -2.67 -4.25 -10.19
C ASP B 238 -2.80 -3.54 -8.85
N VAL B 239 -2.24 -4.10 -7.79
CA VAL B 239 -2.34 -3.49 -6.47
C VAL B 239 -1.62 -2.15 -6.46
N LEU B 240 -0.40 -2.10 -7.02
CA LEU B 240 0.33 -0.85 -7.09
C LEU B 240 -0.31 0.16 -8.03
N ARG B 241 -1.02 -0.30 -9.07
CA ARG B 241 -1.74 0.63 -9.93
C ARG B 241 -2.94 1.23 -9.21
N ILE B 242 -3.64 0.43 -8.41
CA ILE B 242 -4.75 0.94 -7.62
C ILE B 242 -4.25 1.91 -6.56
N LEU B 243 -3.15 1.57 -5.88
CA LEU B 243 -2.64 2.41 -4.80
C LEU B 243 -1.88 3.63 -5.28
N MET B 244 -1.99 4.02 -6.55
CA MET B 244 -1.46 5.28 -7.04
C MET B 244 -2.56 6.18 -7.58
N GLU B 245 -3.81 5.90 -7.22
CA GLU B 245 -4.97 6.63 -7.75
C GLU B 245 -4.98 6.58 -9.27
N GLY B 246 -4.57 5.43 -9.82
CA GLY B 246 -4.51 5.27 -11.25
C GLY B 246 -5.84 4.84 -11.84
N THR B 247 -5.94 5.00 -13.15
CA THR B 247 -7.14 4.60 -13.87
C THR B 247 -7.34 3.09 -13.75
N PRO B 248 -8.56 2.63 -13.45
CA PRO B 248 -8.79 1.18 -13.39
C PRO B 248 -8.56 0.52 -14.74
N ARG B 249 -8.16 -0.74 -14.68
CA ARG B 249 -7.81 -1.45 -15.92
C ARG B 249 -9.02 -1.59 -16.85
N ASN B 250 -10.19 -1.88 -16.29
CA ASN B 250 -11.37 -2.09 -17.12
C ASN B 250 -11.83 -0.80 -17.80
N VAL B 251 -11.82 0.30 -17.07
CA VAL B 251 -12.38 1.56 -17.56
C VAL B 251 -11.29 2.38 -18.22
N GLY B 252 -11.56 2.89 -19.41
CA GLY B 252 -10.61 3.71 -20.15
C GLY B 252 -10.95 5.18 -20.09
N PHE B 253 -9.91 6.01 -20.20
CA PHE B 253 -10.11 7.46 -20.20
C PHE B 253 -10.88 7.92 -21.43
N GLU B 254 -10.55 7.37 -22.60
CA GLU B 254 -11.20 7.79 -23.83
C GLU B 254 -12.70 7.52 -23.83
N PRO B 255 -13.19 6.33 -23.47
CA PRO B 255 -14.66 6.15 -23.43
C PRO B 255 -15.35 7.07 -22.45
N VAL B 256 -14.75 7.32 -21.28
CA VAL B 256 -15.36 8.21 -20.30
C VAL B 256 -15.46 9.62 -20.86
N ARG B 257 -14.38 10.11 -21.47
CA ARG B 257 -14.39 11.45 -22.04
C ARG B 257 -15.39 11.57 -23.17
N ASP B 258 -15.47 10.55 -24.03
CA ASP B 258 -16.42 10.57 -25.13
C ASP B 258 -17.86 10.54 -24.62
N THR B 259 -18.14 9.73 -23.60
CA THR B 259 -19.48 9.70 -23.03
C THR B 259 -19.86 11.03 -22.42
N LEU B 260 -18.92 11.66 -21.69
CA LEU B 260 -19.21 12.96 -21.09
C LEU B 260 -19.44 14.03 -22.17
N LEU B 261 -18.64 14.01 -23.23
CA LEU B 261 -18.76 15.02 -24.27
C LEU B 261 -19.98 14.81 -25.16
N SER B 262 -20.52 13.59 -25.21
CA SER B 262 -21.68 13.31 -26.05
C SER B 262 -22.99 13.78 -25.44
N VAL B 263 -23.00 14.13 -24.16
CA VAL B 263 -24.23 14.63 -23.52
C VAL B 263 -24.59 15.98 -24.14
N PRO B 264 -25.86 16.20 -24.51
CA PRO B 264 -26.22 17.47 -25.14
C PRO B 264 -25.93 18.67 -24.24
N GLY B 265 -25.46 19.74 -24.86
CA GLY B 265 -25.15 20.96 -24.14
C GLY B 265 -23.82 20.98 -23.44
N VAL B 266 -22.98 19.96 -23.63
CA VAL B 266 -21.69 19.85 -22.96
C VAL B 266 -20.59 20.30 -23.90
N ARG B 267 -19.78 21.24 -23.46
CA ARG B 267 -18.59 21.67 -24.17
C ARG B 267 -17.36 21.02 -23.54
N ALA B 268 -16.17 21.47 -23.95
CA ALA B 268 -14.93 20.85 -23.50
C ALA B 268 -14.85 20.79 -21.98
N THR B 269 -14.44 19.63 -21.48
CA THR B 269 -14.36 19.35 -20.05
C THR B 269 -12.91 19.39 -19.59
N HIS B 270 -12.73 19.32 -18.28
CA HIS B 270 -11.40 19.38 -17.68
C HIS B 270 -11.45 18.74 -16.30
N GLU B 271 -10.26 18.47 -15.77
CA GLU B 271 -10.09 17.91 -14.43
C GLU B 271 -10.87 16.61 -14.26
N LEU B 272 -10.77 15.74 -15.27
CA LEU B 272 -11.45 14.45 -15.24
C LEU B 272 -10.61 13.48 -14.43
N HIS B 273 -10.93 13.34 -13.15
CA HIS B 273 -10.26 12.38 -12.27
C HIS B 273 -11.15 11.16 -12.10
N LEU B 274 -10.60 9.99 -12.41
CA LEU B 274 -11.30 8.74 -12.16
C LEU B 274 -10.29 7.71 -11.69
N TRP B 275 -10.63 7.00 -10.62
CA TRP B 275 -9.73 6.03 -10.01
C TRP B 275 -10.56 4.88 -9.47
N ALA B 276 -9.89 3.93 -8.80
CA ALA B 276 -10.54 2.74 -8.29
C ALA B 276 -10.11 2.51 -6.85
N LEU B 277 -11.09 2.29 -5.97
CA LEU B 277 -10.78 1.88 -4.61
C LEU B 277 -10.32 0.43 -4.57
N THR B 278 -10.99 -0.45 -5.31
CA THR B 278 -10.63 -1.86 -5.38
C THR B 278 -10.76 -2.29 -6.84
N LEU B 279 -10.74 -3.61 -7.06
CA LEU B 279 -10.90 -4.13 -8.41
C LEU B 279 -12.30 -3.88 -8.97
N THR B 280 -13.31 -3.74 -8.10
CA THR B 280 -14.68 -3.59 -8.55
C THR B 280 -15.33 -2.28 -8.13
N TYR B 281 -14.66 -1.45 -7.35
CA TYR B 281 -15.21 -0.17 -6.89
C TYR B 281 -14.50 0.95 -7.66
N HIS B 282 -15.23 1.58 -8.57
CA HIS B 282 -14.69 2.65 -9.40
C HIS B 282 -15.36 3.97 -9.05
N VAL B 283 -14.56 5.03 -8.96
CA VAL B 283 -15.04 6.35 -8.60
C VAL B 283 -14.56 7.34 -9.66
N ALA B 284 -15.45 8.24 -10.07
CA ALA B 284 -15.15 9.22 -11.10
C ALA B 284 -15.51 10.61 -10.63
N SER B 285 -14.86 11.60 -11.24
CA SER B 285 -15.12 13.00 -10.94
C SER B 285 -14.69 13.84 -12.14
N ALA B 286 -15.45 14.88 -12.44
CA ALA B 286 -15.16 15.67 -13.63
C ALA B 286 -15.76 17.06 -13.48
N HIS B 287 -15.27 17.97 -14.32
CA HIS B 287 -15.84 19.31 -14.48
C HIS B 287 -16.52 19.38 -15.84
N LEU B 288 -17.76 19.82 -15.86
CA LEU B 288 -18.54 19.94 -17.09
C LEU B 288 -18.82 21.41 -17.38
N ALA B 289 -18.46 21.84 -18.59
CA ALA B 289 -18.76 23.20 -19.05
C ALA B 289 -19.95 23.12 -20.00
N ILE B 290 -21.02 23.83 -19.67
CA ILE B 290 -22.27 23.75 -20.42
C ILE B 290 -22.50 25.07 -21.16
N ASP B 291 -23.42 25.02 -22.12
CA ASP B 291 -23.83 26.22 -22.84
C ASP B 291 -24.68 27.12 -21.95
N SER B 292 -24.71 28.40 -22.30
CA SER B 292 -25.52 29.36 -21.56
C SER B 292 -27.01 29.10 -21.69
N THR B 293 -27.43 28.30 -22.67
CA THR B 293 -28.83 28.01 -22.92
C THR B 293 -29.25 26.63 -22.41
N ALA B 294 -28.40 25.96 -21.64
CA ALA B 294 -28.67 24.61 -21.16
C ALA B 294 -28.93 24.62 -19.66
N ASP B 295 -29.96 23.90 -19.24
CA ASP B 295 -30.28 23.81 -17.81
C ASP B 295 -29.29 22.91 -17.11
N PRO B 296 -28.58 23.39 -16.08
CA PRO B 296 -27.56 22.55 -15.45
C PRO B 296 -28.10 21.25 -14.86
N GLU B 297 -29.30 21.28 -14.28
CA GLU B 297 -29.83 20.08 -13.64
C GLU B 297 -30.08 18.96 -14.64
N ALA B 298 -30.67 19.28 -15.80
CA ALA B 298 -30.99 18.25 -16.77
C ALA B 298 -29.73 17.60 -17.34
N VAL B 299 -28.75 18.43 -17.72
CA VAL B 299 -27.52 17.89 -18.28
C VAL B 299 -26.74 17.12 -17.22
N LEU B 300 -26.77 17.59 -15.97
CA LEU B 300 -26.10 16.88 -14.88
C LEU B 300 -26.72 15.49 -14.70
N ALA B 301 -28.05 15.42 -14.63
CA ALA B 301 -28.71 14.14 -14.47
C ALA B 301 -28.45 13.22 -15.65
N GLU B 302 -28.48 13.76 -16.87
CA GLU B 302 -28.23 12.94 -18.05
C GLU B 302 -26.82 12.37 -18.03
N ALA B 303 -25.82 13.20 -17.70
CA ALA B 303 -24.44 12.72 -17.67
C ALA B 303 -24.25 11.67 -16.58
N SER B 304 -24.81 11.90 -15.39
CA SER B 304 -24.67 10.92 -14.32
C SER B 304 -25.32 9.60 -14.68
N SER B 305 -26.52 9.65 -15.26
CA SER B 305 -27.21 8.43 -15.66
C SER B 305 -26.43 7.70 -16.75
N ARG B 306 -25.89 8.44 -17.72
CA ARG B 306 -25.12 7.82 -18.79
C ARG B 306 -23.88 7.13 -18.24
N LEU B 307 -23.17 7.80 -17.33
CA LEU B 307 -21.97 7.18 -16.74
C LEU B 307 -22.33 5.94 -15.95
N TYR B 308 -23.40 6.01 -15.14
CA TYR B 308 -23.79 4.84 -14.35
C TYR B 308 -24.18 3.68 -15.26
N SER B 309 -24.97 3.95 -16.30
CA SER B 309 -25.42 2.87 -17.19
C SER B 309 -24.25 2.26 -17.95
N ARG B 310 -23.36 3.09 -18.49
CA ARG B 310 -22.30 2.56 -19.34
C ARG B 310 -21.21 1.85 -18.53
N PHE B 311 -20.80 2.44 -17.39
CA PHE B 311 -19.62 1.97 -16.69
C PHE B 311 -19.87 1.51 -15.26
N GLY B 312 -21.01 1.82 -14.68
CA GLY B 312 -21.29 1.39 -13.32
C GLY B 312 -20.37 2.00 -12.28
N PHE B 313 -20.09 3.29 -12.41
CA PHE B 313 -19.30 3.98 -11.39
C PHE B 313 -20.05 4.01 -10.07
N SER B 314 -19.36 3.64 -8.99
CA SER B 314 -19.99 3.60 -7.68
C SER B 314 -20.11 4.98 -7.04
N SER B 315 -19.43 5.99 -7.58
CA SER B 315 -19.52 7.35 -7.04
C SER B 315 -19.06 8.31 -8.12
N CYS B 316 -19.96 9.19 -8.56
CA CYS B 316 -19.64 10.14 -9.62
C CYS B 316 -20.18 11.51 -9.20
N THR B 317 -19.28 12.42 -8.83
CA THR B 317 -19.63 13.77 -8.44
C THR B 317 -19.01 14.72 -9.46
N LEU B 318 -19.78 15.08 -10.48
CA LEU B 318 -19.32 15.94 -11.55
C LEU B 318 -19.82 17.37 -11.34
N GLN B 319 -18.97 18.33 -11.70
CA GLN B 319 -19.24 19.75 -11.46
C GLN B 319 -19.66 20.42 -12.75
N VAL B 320 -20.70 21.24 -12.68
CA VAL B 320 -21.27 21.90 -13.85
C VAL B 320 -20.94 23.38 -13.79
N GLU B 321 -20.36 23.90 -14.88
CA GLU B 321 -19.97 25.31 -14.98
C GLU B 321 -20.42 25.86 -16.32
N GLN B 322 -20.51 27.19 -16.40
CA GLN B 322 -20.67 27.83 -17.69
C GLN B 322 -19.39 27.73 -18.48
N TYR B 323 -19.50 27.92 -19.81
CA TYR B 323 -18.35 27.66 -20.67
C TYR B 323 -17.22 28.64 -20.39
N GLN B 324 -17.52 29.95 -20.35
CA GLN B 324 -16.51 30.96 -20.06
C GLN B 324 -15.30 30.78 -20.97
N PRO B 325 -15.38 31.19 -22.24
CA PRO B 325 -14.40 30.78 -23.26
C PRO B 325 -12.93 31.00 -22.90
N GLU B 326 -12.68 31.66 -21.76
CA GLU B 326 -11.31 31.94 -21.36
C GLU B 326 -10.49 30.67 -21.10
N MET B 327 -11.13 29.52 -20.92
CA MET B 327 -10.36 28.31 -20.66
C MET B 327 -9.62 27.80 -21.89
N ALA B 328 -9.94 28.32 -23.08
CA ALA B 328 -9.22 27.89 -24.28
C ALA B 328 -7.74 28.20 -24.19
N GLN B 329 -7.38 29.28 -23.50
CA GLN B 329 -5.98 29.65 -23.29
C GLN B 329 -5.43 29.16 -21.95
N CYS B 330 -6.22 28.41 -21.18
CA CYS B 330 -5.77 27.95 -19.87
C CYS B 330 -4.99 26.65 -20.02
N LEU B 331 -3.77 26.63 -19.46
CA LEU B 331 -2.95 25.44 -19.52
C LEU B 331 -3.43 24.35 -18.57
N ARG B 332 -4.09 24.73 -17.48
CA ARG B 332 -4.58 23.76 -16.50
C ARG B 332 -5.86 23.07 -16.95
N CYS B 333 -6.51 23.55 -18.00
CA CYS B 333 -7.72 22.94 -18.53
C CYS B 333 -7.44 22.05 -19.73
N GLN B 334 -6.17 21.80 -20.04
CA GLN B 334 -5.81 20.96 -21.18
C GLN B 334 -5.75 19.49 -20.73
N GLU B 335 -6.32 18.61 -21.54
CA GLU B 335 -6.35 17.20 -21.21
C GLU B 335 -4.93 16.60 -21.32
N PRO B 336 -4.64 15.57 -20.52
CA PRO B 336 -3.32 14.96 -20.60
C PRO B 336 -3.10 14.30 -21.94
N PRO B 337 -1.86 14.26 -22.43
CA PRO B 337 -1.60 13.65 -23.74
C PRO B 337 -1.78 12.14 -23.71
N GLN B 338 -1.96 11.57 -24.90
CA GLN B 338 -2.24 10.15 -25.06
C GLN B 338 -1.02 9.26 -24.84
N ALA B 339 0.08 9.81 -24.33
CA ALA B 339 1.27 9.00 -24.08
C ALA B 339 1.02 7.98 -22.97
N SER B 340 1.69 6.84 -23.08
CA SER B 340 1.55 5.78 -22.09
C SER B 340 2.47 6.02 -20.90
N ASP B 341 2.26 5.23 -19.84
CA ASP B 341 3.07 5.37 -18.64
C ASP B 341 4.53 5.06 -18.92
N LEU B 342 4.80 4.00 -19.70
CA LEU B 342 6.18 3.68 -20.05
C LEU B 342 6.79 4.76 -20.93
N GLU B 343 5.99 5.31 -21.85
CA GLU B 343 6.51 6.32 -22.76
C GLU B 343 6.76 7.65 -22.05
N VAL B 344 5.85 8.07 -21.16
CA VAL B 344 5.97 9.36 -20.50
C VAL B 344 7.15 9.42 -19.55
N LEU B 345 7.63 8.28 -19.05
CA LEU B 345 8.76 8.23 -18.14
C LEU B 345 10.09 8.13 -18.86
N PHE B 346 10.10 8.10 -20.20
CA PHE B 346 11.34 8.04 -20.94
C PHE B 346 11.99 9.41 -21.12
N GLN B 347 11.26 10.49 -20.87
CA GLN B 347 11.86 11.82 -20.77
C GLN B 347 12.42 12.10 -19.38
N GLY B 348 12.18 11.19 -18.42
CA GLY B 348 12.76 11.30 -17.11
C GLY B 348 14.27 11.32 -17.04
N PRO B 349 14.98 10.48 -17.82
CA PRO B 349 16.45 10.53 -17.82
C PRO B 349 17.04 11.91 -18.08
N GLU B 350 16.23 12.83 -18.62
CA GLU B 350 16.68 14.22 -18.71
C GLU B 350 16.89 14.81 -17.33
N PHE B 351 15.97 14.52 -16.39
CA PHE B 351 16.18 14.90 -14.99
C PHE B 351 17.32 14.10 -14.37
N TRP B 352 17.44 12.83 -14.76
CA TRP B 352 18.51 12.00 -14.21
C TRP B 352 19.88 12.51 -14.65
N SER B 353 20.00 12.94 -15.90
CA SER B 353 21.27 13.45 -16.41
C SER B 353 21.54 14.85 -15.89
N HIS B 354 20.63 15.79 -16.17
CA HIS B 354 20.74 17.18 -15.72
C HIS B 354 22.06 17.81 -16.19
#